data_8I5S
#
_entry.id   8I5S
#
_cell.length_a   177.192
_cell.length_b   54.458
_cell.length_c   83.094
_cell.angle_alpha   90.000
_cell.angle_beta   90.000
_cell.angle_gamma   90.000
#
_symmetry.space_group_name_H-M   'P 21 21 2'
#
loop_
_entity.id
_entity.type
_entity.pdbx_description
1 polymer beta-glucosidase
2 non-polymer 2-deoxy-2-fluoro-alpha-D-glucopyranose
3 non-polymer GLYCEROL
4 non-polymer 'CALCIUM ION'
5 non-polymer 1,2-ETHANEDIOL
6 non-polymer '2,4-dinitrophenyl 2-deoxy-2-fluoro-beta-D-glucopyranoside'
7 water water
#
_entity_poly.entity_id   1
_entity_poly.type   'polypeptide(L)'
_entity_poly.pdbx_seq_one_letter_code
;AMALTGCSEKININEDKISHKIDIPDSAWTIGIGEKFKNAGHPNVKYPMIDDSYVQGAPLGGFGAGTIGRTYNGGFSRWH
LEIGKNKYTTVYANQFSVFQKVEGNKDGVAQVLYAGEPENGYLSSWKWDYPKESGMYYALYPNSWYTYTNKDLPVQLAVK
QFSPIIPYNYKETSYPVAVFKWTAYNPTNKNVDVSIMFTWQNMIGFFGKQVNVNSGNFNKIIKDKSKDSEIVAAVMGNIS
NDNEEWNGEYSIGVKKVPGVDISYKAKFVTTGDGSDLWHEFSKNGILDNKDDETPTKQDGIGSAIAVNFKLQPGQTIEVP
FALSWDLPIMKFGGGDKWYKMYTKYFGKNGKNSFAILKEALNNYQKWEKMIDDWQKPILSNKSKPDWYKTALFNELYYLA
DGGTAWENGKVGEKDKRTNNMFGLLECFDYNYYETLDVRFYGSFPLVMLWPDIEKQVMRQFADTINVQDSSEFKVGSNGA
MAVKKVQGMIPHDLGSSYALPWIKINAYDWQNPNIWKDLNSKYVLLVYRDYVLTGKTDKEFLKYTWKSVKTALDKLKEMD
KDNDGIPDNEGIPDQTYNTWSMKGTSAYCGSLWLAALKAAQEIGKVLKDNEAYIKYNEWYKIAQQNFEKELWNGEYYNFD
TESDHKDSIMADQLAGQWYADILRLGDILPKDHVQKALKKIYEFNVMKFENGKMGAVNGMRPDGIVDESDIQAQEVWTGV
TYALASFMKYRGMTEEAYNTAYGVYKMTYDKSGKGYWFRTPEAWTKDGNYRASMYMRPLSIWSMEVNYNEVLEHHHHHH
;
_entity_poly.pdbx_strand_id   A
#
loop_
_chem_comp.id
_chem_comp.type
_chem_comp.name
_chem_comp.formula
CA non-polymer 'CALCIUM ION' 'Ca 2'
EDO non-polymer 1,2-ETHANEDIOL 'C2 H6 O2'
G2F D-saccharide, alpha linking 2-deoxy-2-fluoro-alpha-D-glucopyranose 'C6 H11 F O5'
GOL non-polymer GLYCEROL 'C3 H8 O3'
NFG D-saccharide '2,4-dinitrophenyl 2-deoxy-2-fluoro-beta-D-glucopyranoside' 'C12 H13 F N2 O9'
#
# COMPACT_ATOMS: atom_id res chain seq x y z
N ASP A 16 -17.34 10.12 -25.70
CA ASP A 16 -17.21 8.87 -24.88
C ASP A 16 -18.48 8.02 -24.94
N LYS A 17 -18.45 6.99 -25.78
CA LYS A 17 -19.50 5.97 -25.92
C LYS A 17 -19.12 4.60 -25.32
N ILE A 18 -17.90 4.48 -24.79
CA ILE A 18 -17.37 3.21 -24.26
C ILE A 18 -17.70 3.05 -22.77
N SER A 19 -17.71 4.16 -22.02
CA SER A 19 -18.06 4.12 -20.58
C SER A 19 -19.38 3.40 -20.27
N HIS A 20 -20.37 3.58 -21.13
CA HIS A 20 -21.65 2.88 -21.02
C HIS A 20 -21.55 1.35 -21.17
N LYS A 21 -20.55 0.87 -21.91
CA LYS A 21 -20.31 -0.57 -22.11
C LYS A 21 -19.50 -1.23 -20.99
N ILE A 22 -19.02 -0.45 -20.01
CA ILE A 22 -18.27 -1.01 -18.87
C ILE A 22 -18.91 -0.51 -17.59
N ASP A 23 -18.43 -0.95 -16.44
CA ASP A 23 -19.05 -0.51 -15.19
C ASP A 23 -17.99 0.04 -14.25
N ILE A 24 -17.75 1.34 -14.40
CA ILE A 24 -16.83 2.04 -13.51
C ILE A 24 -17.64 2.71 -12.41
N PRO A 25 -17.30 2.45 -11.15
CA PRO A 25 -18.01 3.14 -10.07
C PRO A 25 -17.79 4.64 -10.07
N ASP A 26 -18.82 5.39 -9.67
CA ASP A 26 -18.72 6.83 -9.64
C ASP A 26 -17.66 7.34 -8.65
N SER A 27 -17.34 6.54 -7.62
CA SER A 27 -16.29 6.88 -6.65
C SER A 27 -14.87 6.61 -7.14
N ALA A 28 -14.69 6.10 -8.35
CA ALA A 28 -13.32 5.93 -8.86
C ALA A 28 -12.64 7.26 -8.96
N TRP A 29 -11.37 7.30 -8.54
CA TRP A 29 -10.51 8.44 -8.77
C TRP A 29 -10.29 8.55 -10.27
N THR A 30 -10.35 9.76 -10.82
N THR A 30 -10.28 9.76 -10.81
CA THR A 30 -10.19 9.95 -12.26
CA THR A 30 -10.11 9.87 -12.25
C THR A 30 -9.14 11.00 -12.61
C THR A 30 -9.23 11.03 -12.67
N ILE A 31 -8.53 10.84 -13.78
CA ILE A 31 -7.61 11.83 -14.35
C ILE A 31 -7.55 11.57 -15.84
N GLY A 32 -7.28 12.62 -16.61
CA GLY A 32 -7.11 12.44 -18.05
C GLY A 32 -5.79 11.76 -18.36
N ILE A 33 -5.81 10.86 -19.34
CA ILE A 33 -4.58 10.26 -19.83
C ILE A 33 -3.75 11.40 -20.44
N GLY A 34 -2.51 11.53 -20.00
CA GLY A 34 -1.63 12.58 -20.47
C GLY A 34 -1.82 13.91 -19.76
N GLU A 35 -2.69 13.96 -18.75
CA GLU A 35 -2.93 15.22 -18.05
C GLU A 35 -1.66 15.65 -17.33
N LYS A 36 -1.38 16.94 -17.40
CA LYS A 36 -0.32 17.55 -16.63
C LYS A 36 -1.00 18.06 -15.37
N PHE A 37 -0.31 17.90 -14.25
CA PHE A 37 -0.80 18.40 -12.99
C PHE A 37 0.12 19.54 -12.60
N LYS A 38 -0.46 20.70 -12.32
CA LYS A 38 0.32 21.91 -12.07
C LYS A 38 0.72 22.07 -10.62
N ASN A 39 -0.09 21.57 -9.70
CA ASN A 39 0.04 21.97 -8.31
C ASN A 39 0.98 21.10 -7.43
N ALA A 40 1.83 20.25 -8.01
CA ALA A 40 2.33 19.09 -7.23
C ALA A 40 3.28 19.48 -6.12
N GLY A 41 3.16 18.78 -5.00
CA GLY A 41 4.03 18.99 -3.87
C GLY A 41 5.35 18.25 -3.98
N HIS A 42 6.31 18.67 -3.17
CA HIS A 42 7.64 18.10 -3.17
C HIS A 42 8.09 17.95 -1.74
N PRO A 43 9.17 17.21 -1.50
CA PRO A 43 9.60 17.03 -0.11
C PRO A 43 9.99 18.33 0.57
N ASN A 44 9.67 18.46 1.85
CA ASN A 44 9.96 19.69 2.62
C ASN A 44 11.10 19.54 3.63
N VAL A 45 11.89 18.47 3.49
CA VAL A 45 13.00 18.19 4.42
C VAL A 45 14.31 18.67 3.79
N LYS A 46 15.36 18.78 4.59
CA LYS A 46 16.67 19.25 4.05
C LYS A 46 17.46 18.13 3.38
N TYR A 47 17.24 16.90 3.82
CA TYR A 47 17.95 15.71 3.36
C TYR A 47 17.26 15.13 2.10
N PRO A 48 17.99 14.35 1.25
CA PRO A 48 17.34 13.72 0.10
C PRO A 48 16.15 12.84 0.46
N MET A 49 15.11 12.90 -0.38
CA MET A 49 13.86 12.20 -0.11
C MET A 49 13.21 11.82 -1.44
N ILE A 50 12.58 10.66 -1.48
CA ILE A 50 11.96 10.16 -2.70
C ILE A 50 10.86 11.11 -3.18
N ASP A 51 10.94 11.45 -4.46
CA ASP A 51 9.87 12.19 -5.13
C ASP A 51 9.76 11.63 -6.54
N ASP A 52 8.85 10.68 -6.73
CA ASP A 52 8.71 10.03 -8.04
C ASP A 52 7.75 10.75 -8.98
N SER A 53 7.30 11.95 -8.60
CA SER A 53 6.33 12.71 -9.40
C SER A 53 4.92 12.22 -9.18
N TYR A 54 3.99 12.97 -9.76
CA TYR A 54 2.56 12.63 -9.68
C TYR A 54 2.10 11.61 -10.73
N VAL A 55 3.00 11.14 -11.61
CA VAL A 55 2.60 10.17 -12.63
C VAL A 55 2.68 8.79 -11.97
N GLN A 56 1.55 8.40 -11.40
CA GLN A 56 1.40 7.15 -10.65
C GLN A 56 0.08 6.51 -11.01
N GLY A 57 -0.15 5.32 -10.48
CA GLY A 57 -1.42 4.62 -10.62
C GLY A 57 -1.57 3.55 -9.58
N ALA A 58 -2.72 2.92 -9.57
CA ALA A 58 -2.99 1.80 -8.69
C ALA A 58 -2.08 0.62 -9.03
N PRO A 59 -1.47 -0.03 -8.02
CA PRO A 59 -0.54 -1.13 -8.30
C PRO A 59 -1.21 -2.40 -8.74
N LEU A 60 -0.43 -3.22 -9.42
CA LEU A 60 -0.81 -4.58 -9.75
C LEU A 60 0.11 -5.52 -9.01
N GLY A 61 -0.42 -6.66 -8.62
CA GLY A 61 0.34 -7.66 -7.86
C GLY A 61 -0.19 -7.91 -6.46
N GLY A 62 -0.08 -9.15 -6.03
CA GLY A 62 -0.55 -9.57 -4.73
C GLY A 62 0.36 -9.23 -3.57
N PHE A 63 -0.13 -9.50 -2.38
CA PHE A 63 0.67 -9.29 -1.17
C PHE A 63 1.87 -10.22 -1.17
N GLY A 64 3.04 -9.63 -0.96
CA GLY A 64 4.28 -10.38 -0.95
C GLY A 64 4.76 -10.87 -2.31
N ALA A 65 4.11 -10.43 -3.39
CA ALA A 65 4.43 -10.90 -4.72
C ALA A 65 5.46 -10.05 -5.43
N GLY A 66 5.73 -8.86 -4.91
CA GLY A 66 6.31 -7.79 -5.71
C GLY A 66 5.15 -7.15 -6.46
N THR A 67 5.17 -5.82 -6.57
CA THR A 67 4.13 -5.12 -7.28
C THR A 67 4.72 -4.27 -8.38
N ILE A 68 3.84 -3.92 -9.31
CA ILE A 68 4.18 -3.11 -10.47
C ILE A 68 3.16 -1.99 -10.55
N GLY A 69 3.65 -0.76 -10.51
CA GLY A 69 2.80 0.42 -10.67
C GLY A 69 2.72 0.86 -12.11
N ARG A 70 1.54 0.67 -12.70
CA ARG A 70 1.23 1.16 -14.03
C ARG A 70 0.53 2.49 -13.84
N THR A 71 1.06 3.53 -14.45
CA THR A 71 0.60 4.89 -14.16
C THR A 71 -0.61 5.24 -15.01
N TYR A 72 -1.22 6.37 -14.69
CA TYR A 72 -2.35 6.85 -15.47
C TYR A 72 -2.00 7.21 -16.93
N ASN A 73 -0.71 7.39 -17.22
CA ASN A 73 -0.26 7.59 -18.59
C ASN A 73 -0.06 6.29 -19.36
N GLY A 74 -0.18 5.15 -18.69
CA GLY A 74 -0.10 3.84 -19.33
C GLY A 74 1.21 3.10 -19.11
N GLY A 75 2.25 3.77 -18.60
CA GLY A 75 3.53 3.14 -18.47
C GLY A 75 3.64 2.25 -17.25
N PHE A 76 4.41 1.18 -17.40
CA PHE A 76 4.79 0.34 -16.27
C PHE A 76 6.07 0.93 -15.69
N SER A 77 5.91 1.67 -14.60
CA SER A 77 6.92 2.63 -14.14
C SER A 77 7.35 2.53 -12.69
N ARG A 78 6.49 2.10 -11.77
CA ARG A 78 6.92 2.05 -10.37
C ARG A 78 7.12 0.61 -9.92
N TRP A 79 8.38 0.19 -9.93
CA TRP A 79 8.73 -1.21 -9.79
C TRP A 79 9.05 -1.52 -8.34
N HIS A 80 8.22 -2.39 -7.74
CA HIS A 80 8.44 -2.88 -6.40
C HIS A 80 8.67 -4.40 -6.45
N LEU A 81 9.26 -4.90 -7.52
CA LEU A 81 9.49 -6.35 -7.67
C LEU A 81 10.62 -6.86 -6.80
N GLU A 82 11.61 -6.01 -6.54
CA GLU A 82 12.65 -6.25 -5.55
C GLU A 82 12.07 -5.85 -4.21
N ILE A 83 11.75 -6.85 -3.39
CA ILE A 83 10.91 -6.61 -2.21
C ILE A 83 11.61 -5.70 -1.24
N GLY A 84 10.95 -4.59 -0.90
CA GLY A 84 11.50 -3.59 -0.01
C GLY A 84 12.07 -2.38 -0.72
N LYS A 85 12.15 -2.43 -2.05
CA LYS A 85 12.76 -1.35 -2.84
C LYS A 85 11.73 -0.69 -3.74
N ASN A 86 11.93 0.61 -3.97
CA ASN A 86 11.11 1.40 -4.87
C ASN A 86 11.99 1.89 -6.01
N LYS A 87 11.70 1.45 -7.23
CA LYS A 87 12.49 1.83 -8.42
C LYS A 87 11.54 2.42 -9.44
N TYR A 88 11.65 3.73 -9.69
CA TYR A 88 10.76 4.41 -10.60
C TYR A 88 11.48 4.62 -11.93
N THR A 89 11.10 3.83 -12.93
CA THR A 89 11.65 3.95 -14.28
C THR A 89 10.66 3.28 -15.23
N THR A 90 10.35 3.92 -16.34
CA THR A 90 9.41 3.35 -17.30
C THR A 90 10.16 2.36 -18.19
N VAL A 91 9.70 1.11 -18.22
CA VAL A 91 10.25 0.11 -19.13
C VAL A 91 9.43 0.27 -20.40
N TYR A 92 9.97 0.99 -21.38
CA TYR A 92 9.17 1.43 -22.51
C TYR A 92 8.62 0.34 -23.39
N ALA A 93 9.28 -0.82 -23.44
CA ALA A 93 8.75 -1.92 -24.23
C ALA A 93 7.45 -2.51 -23.68
N ASN A 94 7.10 -2.21 -22.41
CA ASN A 94 5.92 -2.80 -21.78
C ASN A 94 4.72 -1.92 -22.07
N GLN A 95 3.85 -2.35 -22.96
CA GLN A 95 2.73 -1.50 -23.40
C GLN A 95 1.59 -2.29 -23.94
N PHE A 96 0.44 -1.63 -24.02
CA PHE A 96 -0.60 -2.02 -24.95
C PHE A 96 -0.60 -1.03 -26.11
N SER A 97 -0.80 -1.57 -27.31
CA SER A 97 -0.88 -0.79 -28.54
C SER A 97 -2.13 -1.23 -29.30
N VAL A 98 -2.61 -0.35 -30.17
CA VAL A 98 -3.82 -0.59 -30.95
C VAL A 98 -3.57 -0.31 -32.43
N PHE A 99 -4.20 -1.10 -33.28
CA PHE A 99 -4.24 -0.86 -34.71
C PHE A 99 -5.70 -0.81 -35.10
N GLN A 100 -6.07 0.15 -35.95
CA GLN A 100 -7.43 0.19 -36.47
C GLN A 100 -7.42 0.54 -37.95
N LYS A 101 -8.24 -0.17 -38.73
CA LYS A 101 -8.43 0.19 -40.14
C LYS A 101 -9.91 0.14 -40.48
N VAL A 102 -10.43 1.23 -41.03
CA VAL A 102 -11.81 1.28 -41.47
C VAL A 102 -11.93 0.52 -42.79
N GLU A 103 -12.90 -0.38 -42.90
CA GLU A 103 -13.16 -1.09 -44.15
C GLU A 103 -13.33 -0.07 -45.29
N GLY A 104 -12.57 -0.24 -46.36
CA GLY A 104 -12.57 0.70 -47.48
C GLY A 104 -11.36 1.61 -47.58
N ASN A 105 -10.65 1.84 -46.47
CA ASN A 105 -9.42 2.63 -46.50
C ASN A 105 -8.22 1.76 -46.85
N LYS A 106 -7.22 2.35 -47.52
CA LYS A 106 -6.02 1.61 -47.89
C LYS A 106 -5.10 1.35 -46.69
N ASP A 107 -5.01 2.32 -45.79
CA ASP A 107 -4.14 2.22 -44.60
C ASP A 107 -4.92 2.31 -43.30
N GLY A 108 -4.40 1.60 -42.30
CA GLY A 108 -4.88 1.73 -40.93
C GLY A 108 -3.92 2.60 -40.15
N VAL A 109 -4.22 2.76 -38.86
CA VAL A 109 -3.40 3.54 -37.94
C VAL A 109 -3.01 2.66 -36.76
N ALA A 110 -1.80 2.87 -36.25
CA ALA A 110 -1.30 2.12 -35.09
C ALA A 110 -0.77 3.12 -34.08
N GLN A 111 -0.99 2.84 -32.79
CA GLN A 111 -0.68 3.79 -31.73
C GLN A 111 -0.36 3.02 -30.46
N VAL A 112 0.77 3.34 -29.84
CA VAL A 112 1.07 2.84 -28.49
C VAL A 112 0.16 3.61 -27.53
N LEU A 113 -0.46 2.91 -26.58
CA LEU A 113 -1.33 3.55 -25.60
C LEU A 113 -0.51 4.02 -24.41
N TYR A 114 0.39 4.96 -24.68
CA TYR A 114 1.27 5.56 -23.69
C TYR A 114 1.41 7.05 -24.00
N ALA A 115 1.08 7.90 -23.03
CA ALA A 115 1.14 9.35 -23.19
C ALA A 115 2.55 9.81 -22.87
N GLY A 116 3.47 9.46 -23.75
CA GLY A 116 4.86 9.81 -23.61
C GLY A 116 5.68 9.14 -24.68
N GLU A 117 6.99 9.28 -24.58
CA GLU A 117 7.91 8.58 -25.47
C GLU A 117 9.21 8.25 -24.74
N PRO A 118 10.01 7.31 -25.28
CA PRO A 118 11.31 7.00 -24.69
C PRO A 118 12.24 8.19 -24.72
N GLU A 119 13.22 8.20 -23.83
CA GLU A 119 14.17 9.32 -23.75
C GLU A 119 15.27 9.19 -24.83
N ASN A 120 15.76 7.97 -25.04
CA ASN A 120 16.75 7.66 -26.08
C ASN A 120 16.07 7.09 -27.35
N GLY A 121 16.86 6.49 -28.24
CA GLY A 121 16.36 6.02 -29.54
C GLY A 121 15.84 4.61 -29.62
N TYR A 122 15.74 3.92 -28.47
CA TYR A 122 15.16 2.59 -28.51
C TYR A 122 13.68 2.71 -28.75
N LEU A 123 13.20 1.81 -29.59
CA LEU A 123 11.81 1.72 -30.00
C LEU A 123 11.33 2.96 -30.74
N SER A 124 12.25 3.65 -31.45
CA SER A 124 11.88 4.87 -32.17
C SER A 124 10.83 4.64 -33.28
N SER A 125 10.75 3.41 -33.79
CA SER A 125 9.76 3.08 -34.82
C SER A 125 8.33 3.05 -34.35
N TRP A 126 8.11 2.87 -33.05
CA TRP A 126 6.75 2.75 -32.54
C TRP A 126 6.10 4.14 -32.54
N LYS A 127 4.76 4.16 -32.57
CA LYS A 127 3.99 5.41 -32.57
C LYS A 127 3.68 5.80 -31.12
N TRP A 128 4.47 6.74 -30.62
CA TRP A 128 4.43 7.20 -29.23
C TRP A 128 3.47 8.37 -29.04
N ASP A 129 3.49 8.95 -27.84
CA ASP A 129 2.79 10.21 -27.57
C ASP A 129 1.30 10.10 -27.81
N TYR A 130 0.68 9.17 -27.10
CA TYR A 130 -0.76 9.08 -27.09
C TYR A 130 -1.30 10.50 -26.78
N PRO A 131 -2.23 11.00 -27.61
CA PRO A 131 -2.56 12.43 -27.45
C PRO A 131 -3.39 12.75 -26.21
N LYS A 132 -3.28 13.99 -25.74
CA LYS A 132 -4.11 14.50 -24.66
C LYS A 132 -5.58 14.56 -25.05
N GLU A 133 -6.43 14.67 -24.03
N GLU A 133 -6.43 14.69 -24.02
CA GLU A 133 -7.89 14.81 -24.19
CA GLU A 133 -7.89 14.83 -24.19
C GLU A 133 -8.50 13.69 -25.00
C GLU A 133 -8.52 13.69 -24.98
N SER A 134 -7.94 12.49 -24.89
CA SER A 134 -8.35 11.35 -25.70
C SER A 134 -8.54 10.09 -24.88
N GLY A 135 -8.84 10.25 -23.60
CA GLY A 135 -9.08 9.08 -22.76
C GLY A 135 -8.87 9.43 -21.30
N MET A 136 -9.33 8.54 -20.44
CA MET A 136 -9.31 8.77 -19.01
C MET A 136 -8.79 7.54 -18.30
N TYR A 137 -8.20 7.78 -17.13
CA TYR A 137 -7.82 6.73 -16.19
C TYR A 137 -8.75 6.82 -14.99
N TYR A 138 -9.14 5.66 -14.47
CA TYR A 138 -10.02 5.53 -13.30
C TYR A 138 -9.42 4.53 -12.35
N ALA A 139 -9.53 4.77 -11.05
CA ALA A 139 -9.04 3.80 -10.08
C ALA A 139 -9.93 3.67 -8.87
N LEU A 140 -10.25 2.42 -8.52
CA LEU A 140 -10.87 2.10 -7.24
C LEU A 140 -10.28 0.77 -6.82
N TYR A 141 -9.16 0.89 -6.13
CA TYR A 141 -8.29 -0.26 -5.82
C TYR A 141 -9.10 -1.44 -5.26
N PRO A 142 -8.93 -2.69 -5.75
CA PRO A 142 -7.80 -3.15 -6.59
C PRO A 142 -8.02 -3.03 -8.10
N ASN A 143 -9.12 -2.40 -8.51
CA ASN A 143 -9.40 -2.20 -9.92
C ASN A 143 -8.91 -0.85 -10.40
N SER A 144 -8.49 -0.81 -11.66
CA SER A 144 -8.32 0.43 -12.39
C SER A 144 -8.73 0.22 -13.83
N TRP A 145 -8.95 1.33 -14.52
CA TRP A 145 -9.44 1.30 -15.89
C TRP A 145 -8.80 2.40 -16.71
N TYR A 146 -8.72 2.15 -18.01
CA TYR A 146 -8.43 3.22 -18.97
C TYR A 146 -9.48 3.19 -20.05
N THR A 147 -9.93 4.36 -20.48
CA THR A 147 -10.79 4.47 -21.66
C THR A 147 -10.04 5.26 -22.72
N TYR A 148 -10.29 4.90 -23.98
CA TYR A 148 -9.60 5.47 -25.13
C TYR A 148 -10.67 5.96 -26.10
N THR A 149 -10.76 7.28 -26.16
CA THR A 149 -11.81 7.98 -26.89
C THR A 149 -11.09 9.03 -27.75
N ASN A 150 -10.68 8.60 -28.94
CA ASN A 150 -9.72 9.29 -29.77
C ASN A 150 -10.34 9.51 -31.14
N LYS A 151 -10.24 10.73 -31.66
CA LYS A 151 -10.84 11.06 -32.96
C LYS A 151 -10.27 10.26 -34.14
N ASP A 152 -9.05 9.75 -34.03
CA ASP A 152 -8.44 8.87 -35.04
C ASP A 152 -8.61 7.37 -34.80
N LEU A 153 -9.33 7.00 -33.75
CA LEU A 153 -9.63 5.60 -33.43
C LEU A 153 -11.15 5.44 -33.42
N PRO A 154 -11.74 5.12 -34.59
CA PRO A 154 -13.20 4.99 -34.64
C PRO A 154 -13.80 3.98 -33.67
N VAL A 155 -13.07 2.90 -33.39
CA VAL A 155 -13.51 1.95 -32.40
C VAL A 155 -13.02 2.46 -31.04
N GLN A 156 -13.93 2.59 -30.08
N GLN A 156 -13.95 2.56 -30.09
CA GLN A 156 -13.56 3.02 -28.75
CA GLN A 156 -13.65 2.98 -28.74
C GLN A 156 -13.26 1.80 -27.89
C GLN A 156 -13.21 1.76 -27.94
N LEU A 157 -12.23 1.95 -27.05
CA LEU A 157 -11.70 0.85 -26.26
C LEU A 157 -11.63 1.23 -24.81
N ALA A 158 -11.73 0.22 -23.97
CA ALA A 158 -11.50 0.38 -22.53
C ALA A 158 -10.85 -0.88 -22.03
N VAL A 159 -10.10 -0.75 -20.93
CA VAL A 159 -9.57 -1.90 -20.26
C VAL A 159 -9.83 -1.77 -18.77
N LYS A 160 -10.17 -2.90 -18.15
CA LYS A 160 -10.27 -3.02 -16.69
C LYS A 160 -9.11 -3.90 -16.27
N GLN A 161 -8.26 -3.37 -15.39
CA GLN A 161 -7.07 -4.11 -14.93
C GLN A 161 -7.10 -4.28 -13.43
N PHE A 162 -6.69 -5.45 -12.97
CA PHE A 162 -6.71 -5.72 -11.55
C PHE A 162 -5.88 -6.94 -11.21
N SER A 163 -5.61 -7.07 -9.91
CA SER A 163 -5.15 -8.29 -9.31
C SER A 163 -6.18 -8.74 -8.28
N PRO A 164 -6.26 -10.05 -8.00
CA PRO A 164 -7.32 -10.56 -7.13
C PRO A 164 -7.02 -10.37 -5.63
N ILE A 165 -7.12 -9.10 -5.21
CA ILE A 165 -6.92 -8.72 -3.80
C ILE A 165 -8.29 -8.82 -3.14
N ILE A 166 -8.44 -9.82 -2.28
CA ILE A 166 -9.76 -10.23 -1.75
C ILE A 166 -9.67 -10.45 -0.25
N PRO A 167 -10.43 -9.67 0.54
CA PRO A 167 -10.49 -9.91 1.98
C PRO A 167 -10.86 -11.34 2.35
N TYR A 168 -10.25 -11.81 3.43
CA TYR A 168 -10.46 -13.16 4.00
C TYR A 168 -9.98 -14.26 3.05
N ASN A 169 -9.15 -13.88 2.07
CA ASN A 169 -8.58 -14.79 1.09
C ASN A 169 -7.08 -14.54 1.15
N TYR A 170 -6.35 -15.60 1.43
CA TYR A 170 -4.88 -15.55 1.60
C TYR A 170 -4.18 -16.27 0.47
N LYS A 171 -4.91 -16.64 -0.58
CA LYS A 171 -4.39 -17.45 -1.66
C LYS A 171 -4.24 -16.58 -2.91
N GLU A 172 -5.34 -16.28 -3.59
CA GLU A 172 -5.30 -15.44 -4.78
C GLU A 172 -4.73 -14.07 -4.43
N THR A 173 -4.99 -13.59 -3.22
CA THR A 173 -4.45 -12.32 -2.74
C THR A 173 -2.92 -12.25 -2.78
N SER A 174 -2.25 -13.40 -2.71
CA SER A 174 -0.79 -13.48 -2.82
C SER A 174 -0.25 -13.53 -4.25
N TYR A 175 -1.10 -13.65 -5.27
CA TYR A 175 -0.60 -14.04 -6.59
C TYR A 175 0.13 -12.89 -7.32
N PRO A 176 1.24 -13.22 -8.00
CA PRO A 176 1.95 -12.26 -8.85
C PRO A 176 1.34 -12.27 -10.23
N VAL A 177 0.15 -11.69 -10.33
CA VAL A 177 -0.59 -11.74 -11.57
C VAL A 177 -1.46 -10.49 -11.71
N ALA A 178 -1.74 -10.13 -12.97
CA ALA A 178 -2.65 -9.04 -13.31
C ALA A 178 -3.48 -9.48 -14.50
N VAL A 179 -4.76 -9.08 -14.50
CA VAL A 179 -5.64 -9.28 -15.62
C VAL A 179 -5.96 -7.96 -16.29
N PHE A 180 -6.06 -7.98 -17.63
CA PHE A 180 -6.39 -6.80 -18.43
C PHE A 180 -7.58 -7.20 -19.31
N LYS A 181 -8.78 -6.83 -18.86
CA LYS A 181 -10.03 -7.21 -19.54
C LYS A 181 -10.44 -6.07 -20.45
N TRP A 182 -10.29 -6.28 -21.76
CA TRP A 182 -10.54 -5.27 -22.76
C TRP A 182 -11.97 -5.34 -23.27
N THR A 183 -12.55 -4.16 -23.50
CA THR A 183 -13.85 -4.03 -24.15
C THR A 183 -13.67 -3.11 -25.35
N ALA A 184 -14.19 -3.52 -26.52
CA ALA A 184 -14.08 -2.74 -27.75
C ALA A 184 -15.48 -2.57 -28.32
N TYR A 185 -15.82 -1.35 -28.71
CA TYR A 185 -17.15 -1.02 -29.23
C TYR A 185 -17.05 -0.15 -30.47
N ASN A 186 -17.83 -0.47 -31.50
CA ASN A 186 -17.85 0.31 -32.75
C ASN A 186 -19.14 1.15 -32.82
N PRO A 187 -19.05 2.46 -32.51
CA PRO A 187 -20.20 3.37 -32.61
C PRO A 187 -20.44 3.92 -34.03
N THR A 188 -19.60 3.56 -35.00
CA THR A 188 -19.67 4.12 -36.35
C THR A 188 -20.51 3.24 -37.24
N ASN A 189 -20.71 3.69 -38.47
CA ASN A 189 -21.50 2.98 -39.47
C ASN A 189 -20.67 2.18 -40.48
N LYS A 190 -19.38 1.97 -40.19
CA LYS A 190 -18.52 1.14 -41.06
C LYS A 190 -17.88 0.02 -40.26
N ASN A 191 -17.56 -1.09 -40.94
CA ASN A 191 -16.77 -2.17 -40.33
C ASN A 191 -15.38 -1.63 -40.06
N VAL A 192 -14.82 -1.99 -38.89
CA VAL A 192 -13.46 -1.58 -38.53
C VAL A 192 -12.68 -2.82 -38.09
N ASP A 193 -11.50 -3.00 -38.67
CA ASP A 193 -10.56 -4.02 -38.24
C ASP A 193 -9.75 -3.45 -37.07
N VAL A 194 -9.66 -4.23 -36.00
CA VAL A 194 -9.02 -3.77 -34.75
C VAL A 194 -8.02 -4.81 -34.29
N SER A 195 -6.85 -4.36 -33.86
CA SER A 195 -5.94 -5.23 -33.11
C SER A 195 -5.52 -4.56 -31.82
N ILE A 196 -5.34 -5.39 -30.78
CA ILE A 196 -4.80 -4.97 -29.50
C ILE A 196 -3.56 -5.84 -29.28
N MET A 197 -2.43 -5.21 -28.96
CA MET A 197 -1.16 -5.94 -28.77
C MET A 197 -0.58 -5.58 -27.43
N PHE A 198 -0.18 -6.62 -26.69
CA PHE A 198 0.54 -6.49 -25.42
C PHE A 198 2.00 -6.82 -25.72
N THR A 199 2.90 -5.88 -25.42
CA THR A 199 4.33 -6.13 -25.48
C THR A 199 4.90 -6.14 -24.09
N TRP A 200 5.93 -6.94 -23.89
CA TRP A 200 6.60 -7.04 -22.60
C TRP A 200 8.07 -7.39 -22.80
N GLN A 201 8.95 -6.69 -22.10
CA GLN A 201 10.37 -6.98 -22.10
C GLN A 201 10.65 -8.18 -21.20
N ASN A 202 11.53 -9.07 -21.65
CA ASN A 202 12.03 -10.11 -20.78
C ASN A 202 12.91 -9.42 -19.74
N MET A 203 12.35 -9.25 -18.55
CA MET A 203 12.97 -8.45 -17.50
C MET A 203 13.83 -9.24 -16.54
N ILE A 204 14.13 -10.50 -16.87
CA ILE A 204 15.06 -11.23 -16.03
C ILE A 204 16.41 -10.50 -16.09
N GLY A 205 16.95 -10.18 -14.92
CA GLY A 205 18.14 -9.36 -14.79
C GLY A 205 17.91 -7.86 -14.59
N PHE A 206 16.65 -7.40 -14.61
CA PHE A 206 16.31 -6.00 -14.29
C PHE A 206 16.81 -5.62 -12.91
N PHE A 207 16.78 -6.57 -11.99
CA PHE A 207 17.40 -6.43 -10.65
C PHE A 207 18.03 -7.74 -10.21
N GLY A 208 18.95 -7.63 -9.26
CA GLY A 208 19.50 -8.77 -8.55
C GLY A 208 20.62 -9.50 -9.26
N LYS A 209 21.00 -9.04 -10.45
CA LYS A 209 22.08 -9.66 -11.23
C LYS A 209 23.22 -8.63 -11.33
N GLN A 210 24.41 -9.03 -10.89
N GLN A 210 24.42 -8.96 -10.84
CA GLN A 210 25.56 -8.12 -10.73
CA GLN A 210 25.52 -7.97 -10.80
C GLN A 210 26.35 -7.88 -12.03
C GLN A 210 26.16 -7.76 -12.17
N VAL A 211 26.27 -8.82 -12.96
CA VAL A 211 26.89 -8.73 -14.30
C VAL A 211 26.00 -9.40 -15.35
N ASN A 212 26.27 -9.07 -16.62
CA ASN A 212 25.68 -9.75 -17.77
C ASN A 212 24.16 -9.80 -17.66
N VAL A 213 23.53 -8.63 -17.55
CA VAL A 213 22.13 -8.55 -17.11
C VAL A 213 21.09 -9.18 -18.03
N ASN A 214 21.36 -9.28 -19.32
CA ASN A 214 20.45 -9.96 -20.25
C ASN A 214 20.88 -11.38 -20.60
N SER A 215 22.11 -11.76 -20.23
CA SER A 215 22.70 -12.97 -20.76
C SER A 215 21.91 -14.23 -20.40
N GLY A 216 21.56 -15.00 -21.41
CA GLY A 216 20.79 -16.23 -21.26
C GLY A 216 19.29 -16.06 -21.27
N ASN A 217 18.81 -14.82 -21.37
CA ASN A 217 17.38 -14.63 -21.44
C ASN A 217 16.88 -15.21 -22.74
N PHE A 218 15.71 -15.86 -22.69
CA PHE A 218 15.09 -16.39 -23.90
C PHE A 218 13.59 -16.43 -23.73
N ASN A 219 12.89 -16.44 -24.85
CA ASN A 219 11.43 -16.37 -24.87
C ASN A 219 10.87 -17.59 -25.59
N LYS A 220 9.80 -18.15 -25.06
CA LYS A 220 9.08 -19.24 -25.70
C LYS A 220 7.59 -18.96 -25.73
N ILE A 221 6.90 -19.58 -26.68
CA ILE A 221 5.48 -19.42 -26.87
C ILE A 221 4.79 -20.74 -26.45
N ILE A 222 3.74 -20.61 -25.65
CA ILE A 222 2.94 -21.74 -25.18
C ILE A 222 1.57 -21.57 -25.82
N LYS A 223 1.09 -22.61 -26.50
CA LYS A 223 -0.27 -22.64 -27.03
C LYS A 223 -1.00 -23.73 -26.29
N ASP A 224 -1.94 -23.36 -25.43
CA ASP A 224 -2.69 -24.32 -24.66
C ASP A 224 -4.06 -24.41 -25.28
N LYS A 225 -4.32 -25.51 -25.99
CA LYS A 225 -5.58 -25.75 -26.68
C LYS A 225 -6.28 -26.91 -25.99
N SER A 226 -7.52 -26.67 -25.60
CA SER A 226 -8.41 -27.73 -25.15
C SER A 226 -9.80 -27.32 -25.63
N LYS A 227 -10.82 -28.10 -25.30
CA LYS A 227 -12.18 -27.75 -25.77
C LYS A 227 -12.63 -26.41 -25.17
N ASP A 228 -13.00 -25.47 -26.06
CA ASP A 228 -13.51 -24.13 -25.67
C ASP A 228 -12.55 -23.30 -24.84
N SER A 229 -11.27 -23.57 -25.02
CA SER A 229 -10.23 -22.80 -24.38
C SER A 229 -9.05 -22.84 -25.34
N GLU A 230 -8.58 -21.66 -25.71
CA GLU A 230 -7.27 -21.55 -26.30
C GLU A 230 -6.62 -20.41 -25.57
N ILE A 231 -5.44 -20.66 -25.01
CA ILE A 231 -4.61 -19.61 -24.44
C ILE A 231 -3.32 -19.61 -25.24
N VAL A 232 -2.86 -18.42 -25.62
CA VAL A 232 -1.55 -18.25 -26.22
C VAL A 232 -0.76 -17.30 -25.32
N ALA A 233 0.45 -17.70 -24.97
CA ALA A 233 1.27 -16.96 -24.01
C ALA A 233 2.74 -16.99 -24.40
N ALA A 234 3.44 -15.94 -24.01
CA ALA A 234 4.88 -15.90 -24.09
C ALA A 234 5.42 -16.08 -22.69
N VAL A 235 6.44 -16.93 -22.54
CA VAL A 235 7.15 -17.10 -21.28
C VAL A 235 8.57 -16.61 -21.51
N MET A 236 8.94 -15.60 -20.72
CA MET A 236 10.20 -14.89 -20.85
C MET A 236 11.02 -15.28 -19.64
N GLY A 237 12.04 -16.10 -19.88
CA GLY A 237 12.84 -16.68 -18.80
C GLY A 237 14.31 -16.61 -19.10
N ASN A 238 15.07 -17.50 -18.46
CA ASN A 238 16.51 -17.58 -18.65
C ASN A 238 16.90 -19.05 -18.70
N ILE A 239 17.94 -19.34 -19.48
CA ILE A 239 18.42 -20.73 -19.59
C ILE A 239 18.94 -21.29 -18.28
N SER A 240 19.35 -20.44 -17.34
CA SER A 240 19.80 -20.92 -16.04
C SER A 240 18.66 -21.56 -15.22
N ASN A 241 18.96 -22.71 -14.61
CA ASN A 241 18.06 -23.33 -13.63
C ASN A 241 18.45 -22.95 -12.19
N ASP A 242 19.38 -22.00 -12.03
CA ASP A 242 19.79 -21.50 -10.70
C ASP A 242 18.64 -20.91 -9.92
N ASN A 243 18.72 -21.04 -8.61
CA ASN A 243 17.69 -20.58 -7.70
C ASN A 243 18.23 -19.37 -6.95
N GLU A 244 17.99 -18.19 -7.54
CA GLU A 244 18.46 -16.91 -7.02
C GLU A 244 17.36 -15.88 -7.17
N GLU A 245 17.48 -14.78 -6.44
CA GLU A 245 16.50 -13.69 -6.45
C GLU A 245 16.21 -13.17 -7.85
N TRP A 246 17.24 -13.14 -8.70
CA TRP A 246 17.08 -12.58 -10.04
C TRP A 246 16.37 -13.50 -11.06
N ASN A 247 16.34 -14.81 -10.80
CA ASN A 247 15.90 -15.77 -11.81
C ASN A 247 14.43 -16.15 -11.62
N GLY A 248 13.77 -16.44 -12.72
CA GLY A 248 12.37 -16.76 -12.73
C GLY A 248 11.84 -16.53 -14.13
N GLU A 249 10.57 -16.18 -14.23
CA GLU A 249 9.92 -15.99 -15.53
C GLU A 249 8.89 -14.89 -15.45
N TYR A 250 8.71 -14.19 -16.56
CA TYR A 250 7.53 -13.35 -16.80
C TYR A 250 6.71 -14.01 -17.87
N SER A 251 5.40 -13.85 -17.80
CA SER A 251 4.54 -14.30 -18.89
C SER A 251 3.48 -13.27 -19.23
N ILE A 252 3.20 -13.11 -20.52
CA ILE A 252 2.02 -12.38 -20.96
C ILE A 252 1.24 -13.28 -21.89
N GLY A 253 -0.06 -13.07 -21.98
CA GLY A 253 -0.86 -13.91 -22.87
C GLY A 253 -2.28 -13.48 -22.94
N VAL A 254 -3.04 -14.23 -23.72
CA VAL A 254 -4.42 -13.88 -24.04
C VAL A 254 -5.23 -15.16 -24.18
N LYS A 255 -6.53 -15.05 -23.90
CA LYS A 255 -7.47 -16.15 -24.07
C LYS A 255 -8.33 -15.86 -25.29
N LYS A 256 -8.44 -16.84 -26.18
CA LYS A 256 -9.25 -16.69 -27.37
C LYS A 256 -10.72 -16.56 -26.97
N VAL A 257 -11.42 -15.68 -27.67
CA VAL A 257 -12.87 -15.55 -27.56
C VAL A 257 -13.43 -15.59 -28.98
N PRO A 258 -14.73 -15.90 -29.10
CA PRO A 258 -15.31 -15.93 -30.44
C PRO A 258 -15.15 -14.62 -31.19
N GLY A 259 -14.79 -14.71 -32.46
CA GLY A 259 -14.59 -13.54 -33.30
C GLY A 259 -13.22 -12.91 -33.29
N VAL A 260 -12.28 -13.46 -32.50
CA VAL A 260 -10.91 -12.91 -32.49
C VAL A 260 -9.92 -13.96 -32.91
N ASP A 261 -8.89 -13.52 -33.62
CA ASP A 261 -7.74 -14.33 -33.94
C ASP A 261 -6.57 -13.84 -33.11
N ILE A 262 -5.67 -14.75 -32.77
CA ILE A 262 -4.48 -14.43 -31.99
C ILE A 262 -3.26 -14.51 -32.88
N SER A 263 -2.35 -13.53 -32.78
CA SER A 263 -1.02 -13.66 -33.36
C SER A 263 0.01 -13.30 -32.31
N TYR A 264 1.26 -13.63 -32.60
CA TYR A 264 2.34 -13.39 -31.66
C TYR A 264 3.67 -13.17 -32.32
N LYS A 265 4.59 -12.62 -31.55
CA LYS A 265 6.00 -12.61 -31.94
C LYS A 265 6.82 -12.94 -30.73
N ALA A 266 7.57 -14.04 -30.80
CA ALA A 266 8.28 -14.50 -29.61
C ALA A 266 9.44 -13.61 -29.19
N LYS A 267 10.13 -13.01 -30.16
CA LYS A 267 11.35 -12.29 -29.87
C LYS A 267 11.51 -11.05 -30.70
N PHE A 268 11.42 -9.89 -30.06
CA PHE A 268 11.84 -8.64 -30.67
C PHE A 268 12.91 -8.02 -29.79
N VAL A 269 13.73 -7.16 -30.37
CA VAL A 269 14.85 -6.59 -29.64
C VAL A 269 14.39 -5.26 -29.00
N THR A 270 14.46 -5.20 -27.68
CA THR A 270 14.07 -4.00 -26.95
C THR A 270 15.16 -2.92 -26.95
N THR A 271 16.41 -3.34 -27.13
CA THR A 271 17.54 -2.41 -27.24
C THR A 271 17.85 -2.18 -28.72
N GLY A 272 16.82 -1.84 -29.48
CA GLY A 272 16.92 -1.53 -30.91
C GLY A 272 15.74 -0.65 -31.25
N ASP A 273 15.49 -0.40 -32.53
CA ASP A 273 14.45 0.56 -32.90
C ASP A 273 13.02 0.02 -32.89
N GLY A 274 12.86 -1.27 -32.61
CA GLY A 274 11.54 -1.85 -32.48
C GLY A 274 10.80 -2.19 -33.75
N SER A 275 11.45 -1.96 -34.90
CA SER A 275 10.77 -2.08 -36.18
C SER A 275 10.63 -3.53 -36.62
N ASP A 276 11.45 -4.42 -36.03
CA ASP A 276 11.23 -5.87 -36.17
C ASP A 276 9.80 -6.27 -35.83
N LEU A 277 9.25 -5.68 -34.77
CA LEU A 277 7.86 -5.89 -34.42
C LEU A 277 6.92 -4.91 -35.13
N TRP A 278 7.26 -3.63 -35.07
CA TRP A 278 6.31 -2.58 -35.44
C TRP A 278 5.96 -2.59 -36.94
N HIS A 279 6.88 -3.00 -37.81
CA HIS A 279 6.54 -3.05 -39.25
C HIS A 279 5.41 -4.04 -39.51
N GLU A 280 5.31 -5.08 -38.67
CA GLU A 280 4.25 -6.08 -38.76
C GLU A 280 2.94 -5.51 -38.23
N PHE A 281 2.98 -5.01 -37.00
CA PHE A 281 1.79 -4.52 -36.34
C PHE A 281 1.16 -3.33 -37.07
N SER A 282 1.98 -2.40 -37.55
CA SER A 282 1.46 -1.18 -38.19
C SER A 282 0.88 -1.46 -39.58
N LYS A 283 1.22 -2.58 -40.19
CA LYS A 283 0.68 -2.91 -41.54
C LYS A 283 -0.79 -3.28 -41.45
N ASN A 284 -1.09 -4.31 -40.67
CA ASN A 284 -2.44 -4.86 -40.59
C ASN A 284 -2.80 -5.40 -39.20
N GLY A 285 -2.01 -5.03 -38.18
CA GLY A 285 -2.29 -5.49 -36.82
C GLY A 285 -2.11 -6.98 -36.59
N ILE A 286 -1.33 -7.64 -37.44
CA ILE A 286 -1.13 -9.09 -37.36
C ILE A 286 0.37 -9.36 -37.30
N LEU A 287 0.78 -10.14 -36.31
CA LEU A 287 2.19 -10.44 -36.11
C LEU A 287 2.59 -11.69 -36.87
N ASP A 288 3.89 -11.93 -36.91
CA ASP A 288 4.49 -12.98 -37.75
C ASP A 288 4.34 -14.41 -37.25
N ASN A 289 3.92 -14.60 -36.00
CA ASN A 289 3.85 -15.91 -35.38
C ASN A 289 5.20 -16.61 -35.42
N LYS A 290 6.26 -15.84 -35.30
CA LYS A 290 7.63 -16.38 -35.40
C LYS A 290 8.09 -16.78 -34.01
N ASP A 291 8.23 -18.09 -33.82
CA ASP A 291 8.87 -18.63 -32.64
C ASP A 291 10.37 -18.56 -32.79
N ASP A 292 11.08 -18.34 -31.68
CA ASP A 292 12.52 -18.26 -31.70
C ASP A 292 13.04 -18.30 -30.27
N GLU A 293 13.55 -19.46 -29.86
CA GLU A 293 14.02 -19.63 -28.48
C GLU A 293 15.52 -19.33 -28.30
N THR A 294 16.14 -18.65 -29.28
CA THR A 294 17.54 -18.35 -29.19
C THR A 294 17.79 -17.43 -27.99
N PRO A 295 18.64 -17.83 -27.04
CA PRO A 295 18.94 -16.94 -25.93
C PRO A 295 19.74 -15.72 -26.39
N THR A 296 19.56 -14.62 -25.70
CA THR A 296 20.29 -13.40 -25.98
C THR A 296 21.59 -13.35 -25.16
N LYS A 297 22.51 -12.50 -25.61
CA LYS A 297 23.77 -12.24 -24.90
C LYS A 297 23.72 -10.83 -24.30
N GLN A 298 23.86 -9.79 -25.11
CA GLN A 298 23.83 -8.41 -24.62
C GLN A 298 22.50 -7.70 -24.89
N ASP A 299 21.84 -8.01 -26.00
CA ASP A 299 20.60 -7.33 -26.37
C ASP A 299 19.49 -7.61 -25.37
N GLY A 300 18.70 -6.60 -25.10
CA GLY A 300 17.42 -6.82 -24.43
C GLY A 300 16.42 -7.39 -25.42
N ILE A 301 15.57 -8.30 -24.95
CA ILE A 301 14.56 -8.92 -25.79
C ILE A 301 13.20 -8.85 -25.13
N GLY A 302 12.16 -8.99 -25.93
CA GLY A 302 10.78 -8.95 -25.45
C GLY A 302 9.90 -9.82 -26.34
N SER A 303 8.64 -9.98 -25.92
CA SER A 303 7.64 -10.73 -26.65
C SER A 303 6.39 -9.90 -26.86
N ALA A 304 5.59 -10.35 -27.81
CA ALA A 304 4.34 -9.66 -28.16
C ALA A 304 3.22 -10.66 -28.40
N ILE A 305 2.04 -10.35 -27.85
CA ILE A 305 0.82 -11.14 -28.04
C ILE A 305 -0.24 -10.18 -28.54
N ALA A 306 -0.89 -10.52 -29.65
CA ALA A 306 -1.91 -9.65 -30.23
C ALA A 306 -3.18 -10.41 -30.53
N VAL A 307 -4.29 -9.67 -30.52
CA VAL A 307 -5.54 -10.16 -31.08
C VAL A 307 -6.00 -9.23 -32.17
N ASN A 308 -6.63 -9.82 -33.18
CA ASN A 308 -7.21 -9.05 -34.28
C ASN A 308 -8.65 -9.51 -34.51
N PHE A 309 -9.52 -8.54 -34.77
CA PHE A 309 -10.94 -8.81 -34.94
C PHE A 309 -11.58 -7.72 -35.78
N LYS A 310 -12.71 -8.06 -36.39
CA LYS A 310 -13.50 -7.11 -37.16
C LYS A 310 -14.72 -6.77 -36.32
N LEU A 311 -14.99 -5.49 -36.12
CA LEU A 311 -16.20 -5.04 -35.40
C LEU A 311 -17.14 -4.41 -36.39
N GLN A 312 -18.35 -4.95 -36.44
CA GLN A 312 -19.42 -4.37 -37.25
C GLN A 312 -20.00 -3.17 -36.50
N PRO A 313 -20.74 -2.30 -37.22
CA PRO A 313 -21.41 -1.18 -36.56
C PRO A 313 -22.24 -1.66 -35.38
N GLY A 314 -22.05 -1.03 -34.22
CA GLY A 314 -22.77 -1.36 -33.01
C GLY A 314 -22.33 -2.59 -32.24
N GLN A 315 -21.25 -3.24 -32.68
CA GLN A 315 -20.80 -4.49 -32.08
C GLN A 315 -19.83 -4.22 -30.92
N THR A 316 -19.96 -5.01 -29.87
CA THR A 316 -19.02 -5.02 -28.73
C THR A 316 -18.32 -6.37 -28.62
N ILE A 317 -17.04 -6.35 -28.25
CA ILE A 317 -16.33 -7.58 -27.95
C ILE A 317 -15.45 -7.37 -26.71
N GLU A 318 -15.32 -8.43 -25.94
CA GLU A 318 -14.49 -8.44 -24.73
C GLU A 318 -13.41 -9.48 -24.89
N VAL A 319 -12.19 -9.12 -24.51
CA VAL A 319 -11.08 -10.07 -24.60
C VAL A 319 -10.11 -9.86 -23.45
N PRO A 320 -9.74 -10.94 -22.74
CA PRO A 320 -8.85 -10.82 -21.59
C PRO A 320 -7.40 -11.18 -21.90
N PHE A 321 -6.50 -10.29 -21.49
CA PHE A 321 -5.07 -10.58 -21.47
C PHE A 321 -4.66 -10.73 -20.00
N ALA A 322 -3.45 -11.24 -19.79
CA ALA A 322 -2.91 -11.33 -18.43
C ALA A 322 -1.39 -11.22 -18.45
N LEU A 323 -0.86 -10.91 -17.29
CA LEU A 323 0.57 -10.79 -17.01
C LEU A 323 0.84 -11.53 -15.71
N SER A 324 1.89 -12.37 -15.68
CA SER A 324 2.33 -13.00 -14.45
C SER A 324 3.84 -12.87 -14.32
N TRP A 325 4.30 -13.01 -13.09
CA TRP A 325 5.73 -13.00 -12.83
C TRP A 325 6.06 -13.99 -11.74
N ASP A 326 6.86 -14.98 -12.09
CA ASP A 326 7.27 -16.02 -11.14
C ASP A 326 8.72 -15.72 -10.79
N LEU A 327 8.89 -14.95 -9.71
CA LEU A 327 10.21 -14.63 -9.16
C LEU A 327 10.17 -15.13 -7.74
N PRO A 328 10.47 -16.41 -7.54
CA PRO A 328 10.10 -17.05 -6.27
C PRO A 328 10.87 -16.60 -5.04
N ILE A 329 12.07 -16.04 -5.22
CA ILE A 329 12.97 -15.78 -4.11
C ILE A 329 13.13 -14.29 -3.91
N MET A 330 12.95 -13.85 -2.68
CA MET A 330 13.31 -12.49 -2.29
C MET A 330 14.60 -12.57 -1.46
N LYS A 331 15.51 -11.64 -1.71
CA LYS A 331 16.76 -11.53 -0.96
C LYS A 331 16.78 -10.18 -0.30
N PHE A 332 17.18 -10.16 0.97
CA PHE A 332 17.35 -8.92 1.70
C PHE A 332 18.82 -8.61 1.85
N GLY A 333 19.13 -7.34 2.13
CA GLY A 333 20.51 -6.86 2.05
C GLY A 333 21.46 -7.52 3.04
N GLY A 334 20.93 -8.05 4.14
CA GLY A 334 21.72 -8.82 5.09
C GLY A 334 22.09 -10.22 4.64
N GLY A 335 21.54 -10.67 3.52
CA GLY A 335 21.92 -11.92 2.88
C GLY A 335 20.86 -13.00 2.88
N ASP A 336 19.82 -12.87 3.71
CA ASP A 336 18.78 -13.90 3.80
C ASP A 336 17.95 -13.95 2.54
N LYS A 337 17.64 -15.17 2.14
CA LYS A 337 16.81 -15.45 0.98
C LYS A 337 15.59 -16.24 1.44
N TRP A 338 14.41 -15.79 1.01
CA TRP A 338 13.14 -16.38 1.39
C TRP A 338 12.29 -16.63 0.16
N TYR A 339 11.44 -17.66 0.20
CA TYR A 339 10.44 -17.86 -0.83
C TYR A 339 9.25 -16.96 -0.56
N LYS A 340 8.67 -16.43 -1.63
CA LYS A 340 7.48 -15.60 -1.51
C LYS A 340 6.23 -16.46 -1.33
N MET A 341 5.22 -15.88 -0.68
CA MET A 341 4.00 -16.62 -0.31
C MET A 341 3.37 -17.43 -1.43
N TYR A 342 3.22 -16.83 -2.61
CA TYR A 342 2.51 -17.50 -3.70
C TYR A 342 3.11 -18.83 -4.09
N THR A 343 4.39 -19.05 -3.76
CA THR A 343 5.05 -20.31 -4.09
C THR A 343 4.36 -21.50 -3.43
N LYS A 344 3.62 -21.28 -2.35
CA LYS A 344 2.80 -22.32 -1.74
C LYS A 344 1.83 -22.94 -2.74
N TYR A 345 1.33 -22.11 -3.65
CA TYR A 345 0.26 -22.50 -4.58
C TYR A 345 0.76 -22.93 -5.96
N PHE A 346 1.97 -22.51 -6.33
CA PHE A 346 2.50 -22.77 -7.67
C PHE A 346 3.87 -23.45 -7.77
N GLY A 347 4.57 -23.58 -6.65
CA GLY A 347 5.90 -24.15 -6.65
C GLY A 347 6.97 -23.09 -6.46
N LYS A 348 8.18 -23.56 -6.20
CA LYS A 348 9.32 -22.73 -5.85
C LYS A 348 10.42 -22.65 -6.89
N ASN A 349 10.31 -23.40 -8.00
CA ASN A 349 11.44 -23.50 -8.95
C ASN A 349 11.57 -22.36 -9.97
N GLY A 350 10.65 -21.41 -9.95
CA GLY A 350 10.71 -20.27 -10.85
C GLY A 350 10.44 -20.58 -12.32
N LYS A 351 9.74 -21.67 -12.58
CA LYS A 351 9.40 -22.06 -13.95
C LYS A 351 7.89 -22.23 -14.09
N ASN A 352 7.13 -21.39 -13.38
CA ASN A 352 5.68 -21.57 -13.24
C ASN A 352 4.85 -20.38 -13.70
N SER A 353 5.44 -19.46 -14.47
CA SER A 353 4.70 -18.28 -14.87
C SER A 353 3.48 -18.61 -15.72
N PHE A 354 3.59 -19.62 -16.61
CA PHE A 354 2.44 -19.97 -17.43
C PHE A 354 1.28 -20.48 -16.57
N ALA A 355 1.59 -21.32 -15.59
CA ALA A 355 0.54 -21.83 -14.71
C ALA A 355 -0.25 -20.72 -14.02
N ILE A 356 0.47 -19.69 -13.58
CA ILE A 356 -0.13 -18.56 -12.90
C ILE A 356 -1.03 -17.78 -13.88
N LEU A 357 -0.48 -17.52 -15.05
CA LEU A 357 -1.20 -16.82 -16.11
C LEU A 357 -2.48 -17.56 -16.51
N LYS A 358 -2.37 -18.87 -16.69
CA LYS A 358 -3.52 -19.69 -17.10
C LYS A 358 -4.63 -19.65 -16.04
N GLU A 359 -4.25 -19.77 -14.77
CA GLU A 359 -5.22 -19.68 -13.68
CA GLU A 359 -5.24 -19.68 -13.70
C GLU A 359 -5.98 -18.35 -13.77
N ALA A 360 -5.25 -17.25 -14.02
CA ALA A 360 -5.90 -15.95 -14.14
C ALA A 360 -6.82 -15.88 -15.34
N LEU A 361 -6.37 -16.33 -16.51
CA LEU A 361 -7.19 -16.21 -17.70
C LEU A 361 -8.44 -17.07 -17.60
N ASN A 362 -8.36 -18.19 -16.89
CA ASN A 362 -9.54 -19.05 -16.74
C ASN A 362 -10.47 -18.70 -15.58
N ASN A 363 -10.04 -17.84 -14.65
CA ASN A 363 -10.83 -17.54 -13.47
C ASN A 363 -11.09 -16.06 -13.22
N TYR A 364 -10.68 -15.17 -14.11
CA TYR A 364 -10.77 -13.74 -13.82
C TYR A 364 -12.20 -13.26 -13.58
N GLN A 365 -13.19 -13.87 -14.24
CA GLN A 365 -14.58 -13.43 -14.05
C GLN A 365 -15.04 -13.70 -12.63
N LYS A 366 -14.65 -14.86 -12.10
CA LYS A 366 -14.92 -15.18 -10.71
C LYS A 366 -14.23 -14.17 -9.79
N TRP A 367 -12.97 -13.84 -10.07
CA TRP A 367 -12.27 -12.87 -9.24
C TRP A 367 -12.93 -11.50 -9.25
N GLU A 368 -13.38 -11.05 -10.42
CA GLU A 368 -14.11 -9.78 -10.52
C GLU A 368 -15.33 -9.75 -9.60
N LYS A 369 -16.08 -10.85 -9.60
CA LYS A 369 -17.28 -10.94 -8.76
C LYS A 369 -16.92 -10.95 -7.27
N MET A 370 -15.82 -11.61 -6.90
CA MET A 370 -15.35 -11.62 -5.52
C MET A 370 -14.98 -10.20 -5.06
N ILE A 371 -14.34 -9.45 -5.93
CA ILE A 371 -14.00 -8.05 -5.64
C ILE A 371 -15.25 -7.21 -5.50
N ASP A 372 -16.19 -7.40 -6.42
CA ASP A 372 -17.46 -6.67 -6.35
C ASP A 372 -18.20 -6.99 -5.08
N ASP A 373 -18.18 -8.26 -4.68
CA ASP A 373 -18.89 -8.70 -3.47
C ASP A 373 -18.34 -8.02 -2.22
N TRP A 374 -17.03 -7.80 -2.15
CA TRP A 374 -16.48 -7.12 -0.97
CA TRP A 374 -16.44 -7.12 -0.99
C TRP A 374 -16.63 -5.61 -1.04
N GLN A 375 -16.55 -5.01 -2.23
CA GLN A 375 -16.71 -3.57 -2.35
C GLN A 375 -18.18 -3.12 -2.21
N LYS A 376 -19.12 -3.99 -2.58
CA LYS A 376 -20.55 -3.61 -2.65
C LYS A 376 -21.17 -3.06 -1.37
N PRO A 377 -20.91 -3.66 -0.21
CA PRO A 377 -21.55 -3.10 1.01
C PRO A 377 -21.23 -1.63 1.28
N ILE A 378 -20.01 -1.22 0.96
CA ILE A 378 -19.63 0.17 1.10
C ILE A 378 -20.17 0.98 -0.08
N LEU A 379 -19.95 0.52 -1.31
CA LEU A 379 -20.39 1.29 -2.48
C LEU A 379 -21.90 1.53 -2.50
N SER A 380 -22.66 0.54 -2.05
CA SER A 380 -24.12 0.62 -2.02
C SER A 380 -24.67 1.48 -0.89
N ASN A 381 -23.84 1.94 0.04
CA ASN A 381 -24.30 2.74 1.16
C ASN A 381 -24.39 4.19 0.70
N LYS A 382 -25.60 4.65 0.39
CA LYS A 382 -25.79 5.97 -0.18
C LYS A 382 -25.77 7.10 0.87
N SER A 383 -25.59 6.75 2.13
CA SER A 383 -25.35 7.77 3.17
C SER A 383 -23.93 8.29 3.17
N LYS A 384 -23.01 7.56 2.55
CA LYS A 384 -21.60 7.98 2.54
C LYS A 384 -21.26 8.65 1.23
N PRO A 385 -20.56 9.80 1.29
CA PRO A 385 -20.17 10.49 0.07
C PRO A 385 -19.18 9.68 -0.75
N ASP A 386 -19.22 9.87 -2.06
CA ASP A 386 -18.31 9.18 -2.96
C ASP A 386 -16.84 9.49 -2.66
N TRP A 387 -16.50 10.72 -2.26
CA TRP A 387 -15.09 11.07 -2.01
C TRP A 387 -14.51 10.18 -0.91
N TYR A 388 -15.33 9.87 0.09
CA TYR A 388 -14.90 9.02 1.19
C TYR A 388 -14.59 7.61 0.70
N LYS A 389 -15.42 7.12 -0.22
CA LYS A 389 -15.21 5.80 -0.81
C LYS A 389 -13.95 5.78 -1.68
N THR A 390 -13.68 6.87 -2.41
CA THR A 390 -12.46 6.99 -3.19
C THR A 390 -11.25 6.78 -2.32
N ALA A 391 -11.19 7.46 -1.19
CA ALA A 391 -10.06 7.35 -0.27
C ALA A 391 -10.03 6.00 0.42
N LEU A 392 -11.17 5.53 0.91
CA LEU A 392 -11.20 4.28 1.64
C LEU A 392 -10.60 3.14 0.81
N PHE A 393 -11.03 3.01 -0.43
CA PHE A 393 -10.51 1.90 -1.25
C PHE A 393 -9.10 2.19 -1.76
N ASN A 394 -8.85 3.40 -2.25
CA ASN A 394 -7.56 3.62 -2.85
C ASN A 394 -6.41 3.70 -1.86
N GLU A 395 -6.65 4.07 -0.60
CA GLU A 395 -5.57 4.00 0.39
C GLU A 395 -5.05 2.56 0.57
N LEU A 396 -5.89 1.55 0.29
CA LEU A 396 -5.47 0.16 0.39
C LEU A 396 -4.34 -0.21 -0.55
N TYR A 397 -4.04 0.64 -1.54
CA TYR A 397 -2.91 0.38 -2.46
C TYR A 397 -1.66 0.02 -1.65
N TYR A 398 -1.49 0.65 -0.49
CA TYR A 398 -0.24 0.50 0.29
C TYR A 398 -0.05 -0.91 0.84
N LEU A 399 -1.13 -1.63 1.08
CA LEU A 399 -0.98 -3.01 1.58
C LEU A 399 -0.18 -3.86 0.62
N ALA A 400 -0.37 -3.63 -0.68
CA ALA A 400 0.44 -4.28 -1.71
C ALA A 400 1.71 -3.53 -2.02
N ASP A 401 1.65 -2.20 -2.07
CA ASP A 401 2.78 -1.37 -2.54
C ASP A 401 3.78 -1.01 -1.44
N GLY A 402 3.58 -1.45 -0.21
CA GLY A 402 4.47 -1.05 0.89
C GLY A 402 5.62 -2.02 1.14
N GLY A 403 6.23 -2.53 0.07
CA GLY A 403 7.41 -3.38 0.21
C GLY A 403 7.08 -4.70 0.88
N THR A 404 5.82 -5.09 0.74
CA THR A 404 5.24 -6.17 1.51
C THR A 404 5.97 -7.48 1.32
N ALA A 405 6.33 -8.08 2.45
CA ALA A 405 7.09 -9.33 2.48
C ALA A 405 6.25 -10.38 3.18
N TRP A 406 6.15 -11.54 2.57
CA TRP A 406 5.28 -12.60 3.09
C TRP A 406 5.91 -13.92 2.72
N GLU A 407 6.55 -14.57 3.69
CA GLU A 407 7.48 -15.65 3.38
C GLU A 407 6.86 -17.03 3.45
N ASN A 408 7.33 -17.92 2.57
CA ASN A 408 6.95 -19.34 2.55
C ASN A 408 8.19 -20.21 2.67
N GLY A 409 9.04 -19.88 3.64
CA GLY A 409 10.24 -20.65 3.96
C GLY A 409 11.52 -19.92 3.60
N LYS A 410 12.54 -20.16 4.40
CA LYS A 410 13.87 -19.63 4.13
C LYS A 410 14.53 -20.56 3.11
N VAL A 411 15.23 -20.00 2.13
CA VAL A 411 15.84 -20.82 1.09
C VAL A 411 16.85 -21.77 1.76
N GLY A 412 16.73 -23.07 1.46
CA GLY A 412 17.60 -24.12 2.02
C GLY A 412 17.30 -24.66 3.41
N GLU A 413 16.13 -24.32 3.98
CA GLU A 413 15.87 -24.64 5.39
C GLU A 413 15.29 -26.04 5.57
N LYS A 416 10.14 -27.03 7.49
CA LYS A 416 9.06 -26.12 7.16
C LYS A 416 8.23 -25.76 8.41
N ARG A 417 7.71 -24.52 8.43
CA ARG A 417 6.91 -24.04 9.55
C ARG A 417 5.43 -23.97 9.20
N THR A 418 4.61 -23.86 10.24
CA THR A 418 3.17 -23.75 10.10
C THR A 418 2.75 -22.38 9.56
N ASN A 419 3.44 -21.34 10.00
CA ASN A 419 3.03 -19.97 9.74
C ASN A 419 3.95 -19.30 8.74
N ASN A 420 3.44 -18.20 8.17
CA ASN A 420 4.11 -17.47 7.11
C ASN A 420 4.28 -16.06 7.62
N MET A 421 5.51 -15.68 7.92
CA MET A 421 5.77 -14.38 8.51
C MET A 421 5.49 -13.26 7.49
N PHE A 422 5.11 -12.10 8.01
CA PHE A 422 4.62 -10.99 7.20
C PHE A 422 5.23 -9.70 7.67
N GLY A 423 5.47 -8.79 6.74
CA GLY A 423 5.89 -7.44 7.09
C GLY A 423 5.54 -6.39 6.07
N LEU A 424 5.07 -5.26 6.55
CA LEU A 424 4.76 -4.08 5.75
C LEU A 424 5.72 -2.97 6.15
N LEU A 425 6.29 -2.27 5.18
CA LEU A 425 7.22 -1.16 5.50
C LEU A 425 6.52 0.06 6.09
N GLU A 426 7.24 0.77 6.95
CA GLU A 426 6.86 2.11 7.36
C GLU A 426 6.66 2.98 6.11
N CYS A 427 7.68 2.98 5.25
CA CYS A 427 7.73 3.64 3.94
C CYS A 427 9.07 3.26 3.33
N PHE A 428 9.43 3.86 2.21
CA PHE A 428 10.68 3.54 1.54
C PHE A 428 11.81 4.47 1.98
N ASP A 429 11.52 5.72 2.32
CA ASP A 429 12.58 6.61 2.84
C ASP A 429 13.13 6.13 4.18
N TYR A 430 12.28 5.53 4.98
CA TYR A 430 12.63 4.97 6.27
C TYR A 430 12.28 3.50 6.21
N ASN A 431 13.25 2.69 5.78
CA ASN A 431 13.00 1.32 5.33
C ASN A 431 13.00 0.38 6.52
N TYR A 432 11.91 0.41 7.28
CA TYR A 432 11.75 -0.41 8.46
C TYR A 432 10.45 -1.18 8.37
N TYR A 433 10.52 -2.50 8.53
CA TYR A 433 9.32 -3.34 8.57
C TYR A 433 8.62 -3.24 9.89
N GLU A 434 7.30 -3.10 9.83
CA GLU A 434 6.46 -3.25 11.01
C GLU A 434 6.90 -2.34 12.15
N THR A 435 6.96 -1.06 11.84
CA THR A 435 7.13 -0.03 12.83
C THR A 435 5.86 0.03 13.67
N LEU A 436 5.90 -0.55 14.87
CA LEU A 436 4.70 -0.82 15.64
C LEU A 436 4.01 0.45 16.08
N ASP A 437 4.78 1.49 16.39
CA ASP A 437 4.21 2.79 16.76
C ASP A 437 3.32 3.39 15.66
N VAL A 438 3.62 3.03 14.41
CA VAL A 438 2.87 3.45 13.20
C VAL A 438 1.77 2.43 12.88
N ARG A 439 2.04 1.15 13.04
CA ARG A 439 1.03 0.10 12.73
C ARG A 439 -0.18 0.20 13.66
N PHE A 440 0.02 0.77 14.85
CA PHE A 440 -1.10 1.15 15.73
C PHE A 440 -2.21 1.86 14.93
N TYR A 441 -1.80 2.72 13.98
CA TYR A 441 -2.72 3.40 13.09
C TYR A 441 -2.96 2.61 11.80
N GLY A 442 -1.88 2.14 11.20
CA GLY A 442 -1.93 1.66 9.82
C GLY A 442 -2.46 0.25 9.64
N SER A 443 -2.61 -0.52 10.71
CA SER A 443 -2.95 -1.93 10.58
C SER A 443 -4.47 -2.22 10.52
N PHE A 444 -5.30 -1.19 10.57
CA PHE A 444 -6.75 -1.40 10.55
C PHE A 444 -7.25 -2.27 9.39
N PRO A 445 -6.77 -2.03 8.16
CA PRO A 445 -7.26 -2.90 7.08
C PRO A 445 -6.90 -4.37 7.29
N LEU A 446 -5.75 -4.64 7.90
CA LEU A 446 -5.37 -6.02 8.14
C LEU A 446 -6.29 -6.69 9.17
N VAL A 447 -6.55 -6.04 10.31
CA VAL A 447 -7.43 -6.68 11.29
C VAL A 447 -8.85 -6.85 10.72
N MET A 448 -9.30 -5.88 9.93
CA MET A 448 -10.67 -5.90 9.42
C MET A 448 -10.88 -6.82 8.24
N LEU A 449 -9.87 -6.97 7.39
CA LEU A 449 -10.02 -7.64 6.08
C LEU A 449 -9.12 -8.87 5.88
N TRP A 450 -7.98 -8.92 6.57
CA TRP A 450 -7.03 -10.05 6.52
C TRP A 450 -6.56 -10.42 7.92
N PRO A 451 -7.53 -10.77 8.81
CA PRO A 451 -7.17 -10.93 10.21
C PRO A 451 -6.15 -12.03 10.52
N ASP A 452 -6.04 -13.07 9.68
CA ASP A 452 -5.02 -14.10 9.94
C ASP A 452 -3.62 -13.53 9.74
N ILE A 453 -3.45 -12.58 8.83
CA ILE A 453 -2.16 -11.90 8.69
C ILE A 453 -1.92 -11.02 9.92
N GLU A 454 -2.92 -10.23 10.29
CA GLU A 454 -2.79 -9.37 11.46
C GLU A 454 -2.35 -10.12 12.73
N LYS A 455 -3.01 -11.24 12.99
CA LYS A 455 -2.68 -12.01 14.20
C LYS A 455 -1.28 -12.61 14.12
N GLN A 456 -0.89 -13.06 12.93
CA GLN A 456 0.50 -13.51 12.72
C GLN A 456 1.51 -12.42 13.05
N VAL A 457 1.28 -11.20 12.56
CA VAL A 457 2.24 -10.11 12.84
C VAL A 457 2.31 -9.89 14.35
N MET A 458 1.17 -9.88 15.02
CA MET A 458 1.20 -9.66 16.46
C MET A 458 1.89 -10.78 17.23
N ARG A 459 1.76 -12.03 16.76
CA ARG A 459 2.51 -13.14 17.37
C ARG A 459 4.02 -12.96 17.16
N GLN A 460 4.42 -12.42 16.01
CA GLN A 460 5.83 -12.06 15.78
C GLN A 460 6.32 -11.10 16.87
N PHE A 461 5.54 -10.06 17.14
CA PHE A 461 5.88 -9.15 18.22
C PHE A 461 5.89 -9.82 19.59
N ALA A 462 4.90 -10.65 19.87
CA ALA A 462 4.87 -11.38 21.16
C ALA A 462 6.16 -12.17 21.36
N ASP A 463 6.61 -12.83 20.30
CA ASP A 463 7.80 -13.68 20.37
C ASP A 463 9.06 -12.89 20.67
N THR A 464 9.09 -11.58 20.34
CA THR A 464 10.25 -10.75 20.61
C THR A 464 10.35 -10.21 22.02
N ILE A 465 9.29 -10.30 22.82
CA ILE A 465 9.22 -9.55 24.08
C ILE A 465 10.45 -9.77 24.98
N ASN A 466 10.80 -11.04 25.19
CA ASN A 466 11.86 -11.37 26.14
C ASN A 466 13.18 -11.60 25.46
N VAL A 467 13.27 -11.34 24.16
CA VAL A 467 14.56 -11.39 23.49
C VAL A 467 15.45 -10.31 24.10
N GLN A 468 16.70 -10.69 24.36
CA GLN A 468 17.72 -9.79 24.87
C GLN A 468 18.87 -9.86 23.89
N ASP A 469 19.30 -8.71 23.41
CA ASP A 469 20.49 -8.61 22.59
C ASP A 469 21.31 -7.50 23.20
N SER A 470 22.36 -7.90 23.91
CA SER A 470 23.21 -6.95 24.63
C SER A 470 24.25 -6.28 23.75
N SER A 471 24.37 -6.70 22.49
CA SER A 471 25.25 -6.00 21.54
C SER A 471 24.83 -4.53 21.48
N GLU A 472 25.81 -3.66 21.36
CA GLU A 472 25.55 -2.23 21.41
C GLU A 472 25.55 -1.61 20.02
N PHE A 473 24.78 -0.53 19.91
CA PHE A 473 24.74 0.28 18.69
C PHE A 473 24.87 1.73 19.10
N LYS A 474 25.35 2.56 18.18
CA LYS A 474 25.44 3.99 18.38
C LYS A 474 24.08 4.62 18.07
N VAL A 475 23.55 5.36 19.04
CA VAL A 475 22.29 6.06 18.90
C VAL A 475 22.58 7.30 18.05
N GLY A 476 21.94 7.38 16.87
CA GLY A 476 22.25 8.39 15.86
C GLY A 476 22.00 9.84 16.26
N SER A 477 20.95 10.07 17.04
CA SER A 477 20.56 11.42 17.45
C SER A 477 21.54 12.07 18.44
N ASN A 478 22.01 11.29 19.42
CA ASN A 478 22.88 11.83 20.51
C ASN A 478 24.29 11.20 20.63
N GLY A 479 24.59 10.16 19.87
CA GLY A 479 25.91 9.52 19.89
C GLY A 479 26.19 8.54 21.03
N ALA A 480 25.25 8.37 21.95
CA ALA A 480 25.41 7.40 23.04
C ALA A 480 25.36 5.98 22.50
N MET A 481 25.95 5.04 23.23
CA MET A 481 25.85 3.63 22.92
C MET A 481 24.66 3.05 23.71
N ALA A 482 23.93 2.13 23.09
CA ALA A 482 22.78 1.48 23.75
C ALA A 482 22.67 0.02 23.36
N VAL A 483 22.08 -0.76 24.26
CA VAL A 483 21.76 -2.17 24.05
C VAL A 483 20.71 -2.25 22.93
N LYS A 484 20.93 -3.13 21.95
CA LYS A 484 20.04 -3.28 20.81
C LYS A 484 18.60 -3.65 21.21
N LYS A 485 18.47 -4.59 22.14
CA LYS A 485 17.15 -5.09 22.52
C LYS A 485 17.16 -5.50 23.99
N VAL A 486 16.27 -4.87 24.76
CA VAL A 486 16.13 -5.06 26.19
C VAL A 486 14.97 -6.00 26.43
N GLN A 487 15.17 -6.97 27.31
CA GLN A 487 14.14 -7.91 27.71
C GLN A 487 12.94 -7.14 28.26
N GLY A 488 11.76 -7.47 27.76
CA GLY A 488 10.52 -6.87 28.22
C GLY A 488 10.09 -5.61 27.49
N MET A 489 10.94 -5.10 26.60
CA MET A 489 10.57 -3.97 25.77
C MET A 489 10.20 -4.48 24.38
N ILE A 490 9.05 -4.03 23.89
CA ILE A 490 8.62 -4.32 22.52
C ILE A 490 9.54 -3.58 21.54
N PRO A 491 9.93 -4.25 20.44
CA PRO A 491 10.77 -3.56 19.46
C PRO A 491 10.02 -2.52 18.68
N HIS A 492 10.73 -1.49 18.27
CA HIS A 492 10.22 -0.49 17.33
C HIS A 492 9.84 -1.07 15.99
N ASP A 493 10.62 -2.01 15.50
CA ASP A 493 10.43 -2.57 14.16
C ASP A 493 11.01 -3.98 14.08
N LEU A 494 10.69 -4.68 13.00
CA LEU A 494 11.15 -6.05 12.81
C LEU A 494 12.22 -6.13 11.74
N GLY A 495 12.98 -5.05 11.58
CA GLY A 495 14.15 -5.03 10.71
C GLY A 495 13.94 -4.19 9.48
N SER A 496 14.91 -4.25 8.59
CA SER A 496 14.94 -3.48 7.35
C SER A 496 15.18 -4.39 6.17
N SER A 497 14.62 -4.06 5.00
CA SER A 497 14.93 -4.83 3.80
C SER A 497 16.40 -4.77 3.37
N TYR A 498 17.11 -3.77 3.89
CA TYR A 498 18.56 -3.64 3.64
C TYR A 498 19.39 -4.56 4.53
N ALA A 499 18.72 -5.17 5.52
CA ALA A 499 19.37 -5.99 6.54
C ALA A 499 18.61 -7.34 6.63
N LEU A 500 18.03 -7.68 7.78
CA LEU A 500 17.48 -9.03 8.00
C LEU A 500 16.10 -8.98 8.63
N PRO A 501 15.08 -8.77 7.80
CA PRO A 501 13.70 -8.80 8.31
C PRO A 501 13.37 -10.07 9.07
N TRP A 502 12.67 -9.90 10.21
CA TRP A 502 12.21 -10.97 11.10
C TRP A 502 13.32 -11.62 11.92
N ILE A 503 14.56 -11.24 11.67
CA ILE A 503 15.71 -11.87 12.31
C ILE A 503 16.46 -10.86 13.16
N LYS A 504 16.80 -9.71 12.59
CA LYS A 504 17.43 -8.61 13.31
C LYS A 504 16.43 -7.50 13.44
N ILE A 505 15.87 -7.39 14.65
CA ILE A 505 14.84 -6.40 14.95
C ILE A 505 15.48 -5.07 15.41
N ASN A 506 14.68 -4.04 15.56
CA ASN A 506 15.17 -2.72 15.91
C ASN A 506 16.27 -2.22 14.96
N ALA A 507 16.01 -2.30 13.67
CA ALA A 507 16.94 -1.70 12.71
C ALA A 507 16.98 -0.18 12.85
N TYR A 508 15.90 0.42 13.32
CA TYR A 508 15.88 1.84 13.63
C TYR A 508 16.86 2.14 14.76
N ASP A 509 17.81 3.02 14.47
CA ASP A 509 18.86 3.37 15.46
C ASP A 509 19.05 4.87 15.68
N TRP A 510 18.18 5.70 15.12
CA TRP A 510 18.28 7.15 15.28
C TRP A 510 18.01 7.54 16.72
N GLN A 511 17.14 6.77 17.38
CA GLN A 511 16.91 6.86 18.81
C GLN A 511 16.88 5.45 19.34
N ASN A 512 16.84 5.30 20.67
CA ASN A 512 16.81 4.00 21.30
C ASN A 512 15.35 3.56 21.55
N PRO A 513 14.84 2.59 20.77
CA PRO A 513 13.45 2.12 20.99
C PRO A 513 13.19 1.52 22.36
N ASN A 514 14.23 1.03 23.03
CA ASN A 514 14.06 0.39 24.32
C ASN A 514 13.66 1.36 25.44
N ILE A 515 13.72 2.67 25.19
CA ILE A 515 13.17 3.67 26.12
C ILE A 515 11.91 4.37 25.62
N TRP A 516 11.35 3.93 24.50
CA TRP A 516 10.10 4.55 24.02
C TRP A 516 8.96 4.25 25.00
N LYS A 517 8.05 5.21 25.12
CA LYS A 517 6.97 5.12 26.09
C LYS A 517 5.64 4.70 25.48
N ASP A 518 5.57 4.59 24.14
CA ASP A 518 4.31 4.21 23.47
C ASP A 518 4.31 2.79 22.89
N LEU A 519 5.48 2.18 22.69
CA LEU A 519 5.51 0.86 22.05
C LEU A 519 4.82 -0.20 22.88
N ASN A 520 5.16 -0.27 24.17
CA ASN A 520 4.63 -1.33 25.00
C ASN A 520 3.11 -1.21 25.20
N SER A 521 2.61 0.02 25.36
CA SER A 521 1.16 0.27 25.49
CA SER A 521 1.17 0.24 25.50
C SER A 521 0.42 0.01 24.18
N LYS A 522 0.98 0.50 23.08
CA LYS A 522 0.36 0.26 21.76
C LYS A 522 0.32 -1.22 21.43
N TYR A 523 1.37 -1.95 21.81
CA TYR A 523 1.38 -3.40 21.64
C TYR A 523 0.16 -4.07 22.31
N VAL A 524 -0.05 -3.74 23.59
CA VAL A 524 -1.16 -4.32 24.34
C VAL A 524 -2.50 -3.94 23.70
N LEU A 525 -2.62 -2.68 23.31
CA LEU A 525 -3.85 -2.18 22.66
C LEU A 525 -4.13 -2.88 21.33
N LEU A 526 -3.08 -3.12 20.56
CA LEU A 526 -3.19 -3.89 19.31
C LEU A 526 -3.64 -5.32 19.57
N VAL A 527 -3.07 -5.95 20.58
CA VAL A 527 -3.49 -7.31 20.93
C VAL A 527 -4.98 -7.33 21.25
N TYR A 528 -5.43 -6.45 22.15
CA TYR A 528 -6.84 -6.50 22.55
C TYR A 528 -7.75 -6.09 21.38
N ARG A 529 -7.34 -5.08 20.61
CA ARG A 529 -8.04 -4.74 19.38
C ARG A 529 -8.27 -5.95 18.49
N ASP A 530 -7.23 -6.75 18.31
CA ASP A 530 -7.33 -7.86 17.38
C ASP A 530 -8.27 -8.96 17.86
N TYR A 531 -8.39 -9.09 19.18
CA TYR A 531 -9.41 -9.97 19.77
C TYR A 531 -10.80 -9.42 19.58
N VAL A 532 -10.98 -8.14 19.90
CA VAL A 532 -12.31 -7.52 19.83
C VAL A 532 -12.85 -7.48 18.40
N LEU A 533 -12.02 -7.04 17.45
CA LEU A 533 -12.49 -6.84 16.08
C LEU A 533 -12.55 -8.11 15.25
N THR A 534 -12.19 -9.25 15.83
CA THR A 534 -12.44 -10.56 15.21
C THR A 534 -13.47 -11.39 15.98
N GLY A 535 -14.28 -10.72 16.79
CA GLY A 535 -15.49 -11.31 17.39
C GLY A 535 -15.43 -11.68 18.85
N LYS A 536 -14.37 -11.30 19.55
CA LYS A 536 -14.14 -11.71 20.95
C LYS A 536 -14.28 -13.21 21.15
N THR A 537 -13.80 -14.00 20.19
CA THR A 537 -13.81 -15.47 20.27
C THR A 537 -12.43 -16.11 20.35
N ASP A 538 -11.37 -15.38 19.98
CA ASP A 538 -10.07 -16.00 19.84
C ASP A 538 -9.28 -15.98 21.16
N LYS A 539 -9.73 -16.81 22.10
CA LYS A 539 -9.04 -16.99 23.37
C LYS A 539 -7.62 -17.49 23.19
N GLU A 540 -7.41 -18.33 22.18
CA GLU A 540 -6.08 -18.87 21.93
C GLU A 540 -5.06 -17.77 21.61
N PHE A 541 -5.49 -16.78 20.83
CA PHE A 541 -4.67 -15.58 20.56
C PHE A 541 -4.33 -14.80 21.84
N LEU A 542 -5.33 -14.61 22.72
CA LEU A 542 -5.08 -13.98 24.02
C LEU A 542 -4.12 -14.81 24.86
N LYS A 543 -4.31 -16.12 24.88
CA LYS A 543 -3.42 -17.01 25.61
C LYS A 543 -1.99 -16.93 25.09
N TYR A 544 -1.84 -16.94 23.77
CA TYR A 544 -0.50 -16.88 23.17
C TYR A 544 0.24 -15.61 23.57
N THR A 545 -0.48 -14.50 23.61
CA THR A 545 0.11 -13.19 23.84
C THR A 545 0.10 -12.70 25.30
N TRP A 546 -0.56 -13.43 26.21
CA TRP A 546 -0.79 -12.89 27.56
C TRP A 546 0.48 -12.59 28.37
N LYS A 547 1.42 -13.52 28.37
CA LYS A 547 2.69 -13.26 29.07
C LYS A 547 3.39 -11.99 28.58
N SER A 548 3.39 -11.79 27.25
CA SER A 548 4.01 -10.60 26.69
C SER A 548 3.28 -9.30 27.07
N VAL A 549 1.95 -9.37 27.16
CA VAL A 549 1.13 -8.23 27.56
C VAL A 549 1.46 -7.80 29.00
N LYS A 550 1.46 -8.77 29.91
CA LYS A 550 1.80 -8.50 31.31
C LYS A 550 3.23 -7.95 31.45
N THR A 551 4.17 -8.61 30.78
CA THR A 551 5.55 -8.13 30.77
C THR A 551 5.69 -6.72 30.23
N ALA A 552 5.03 -6.44 29.11
CA ALA A 552 5.11 -5.13 28.50
C ALA A 552 4.63 -4.05 29.47
N LEU A 553 3.50 -4.28 30.12
CA LEU A 553 2.97 -3.28 31.06
C LEU A 553 3.83 -3.11 32.31
N ASP A 554 4.30 -4.23 32.83
CA ASP A 554 5.14 -4.23 34.03
C ASP A 554 6.45 -3.48 33.77
N LYS A 555 7.05 -3.66 32.59
CA LYS A 555 8.28 -2.92 32.27
C LYS A 555 8.04 -1.44 32.10
N LEU A 556 6.94 -1.08 31.44
CA LEU A 556 6.59 0.34 31.27
C LEU A 556 6.33 1.05 32.61
N LYS A 557 5.74 0.33 33.55
CA LYS A 557 5.48 0.87 34.90
C LYS A 557 6.76 1.33 35.58
N GLU A 558 7.86 0.60 35.35
CA GLU A 558 9.17 0.98 35.91
C GLU A 558 9.69 2.34 35.43
N MET A 559 9.13 2.87 34.34
CA MET A 559 9.53 4.18 33.80
C MET A 559 8.75 5.34 34.42
N ASP A 560 7.90 5.06 35.39
CA ASP A 560 7.31 6.09 36.23
C ASP A 560 8.40 6.58 37.20
N LYS A 561 8.84 7.82 37.04
CA LYS A 561 9.94 8.36 37.86
C LYS A 561 9.44 8.97 39.17
N ASP A 562 8.25 9.54 39.16
CA ASP A 562 7.75 10.36 40.28
C ASP A 562 6.59 9.73 41.05
N ASN A 563 6.33 8.44 40.82
CA ASN A 563 5.29 7.69 41.52
C ASN A 563 3.87 8.26 41.40
N ASP A 564 3.55 8.86 40.25
CA ASP A 564 2.16 9.26 39.95
C ASP A 564 1.38 8.14 39.22
N GLY A 565 2.03 6.98 39.02
CA GLY A 565 1.41 5.80 38.41
C GLY A 565 1.43 5.80 36.87
N ILE A 566 2.15 6.75 36.27
CA ILE A 566 2.18 6.92 34.80
C ILE A 566 3.64 6.99 34.37
N PRO A 567 4.02 6.26 33.30
CA PRO A 567 5.40 6.42 32.83
C PRO A 567 5.72 7.85 32.45
N ASP A 568 6.95 8.30 32.72
CA ASP A 568 7.38 9.68 32.42
C ASP A 568 8.08 9.76 31.07
N ASN A 569 7.59 10.63 30.20
CA ASN A 569 8.33 10.99 29.00
C ASN A 569 9.58 11.78 29.46
N GLU A 570 10.68 11.62 28.74
CA GLU A 570 11.98 12.04 29.28
C GLU A 570 12.52 13.37 28.79
N GLY A 571 11.69 14.15 28.10
CA GLY A 571 12.10 15.43 27.60
C GLY A 571 12.99 15.37 26.37
N ILE A 572 13.07 14.18 25.76
CA ILE A 572 13.61 13.99 24.43
C ILE A 572 12.57 13.13 23.71
N PRO A 573 12.61 13.08 22.38
CA PRO A 573 11.59 12.25 21.72
C PRO A 573 11.74 10.77 22.10
N ASP A 574 10.67 10.19 22.64
CA ASP A 574 10.64 8.80 23.06
C ASP A 574 9.29 8.14 22.73
N GLN A 575 8.78 8.49 21.55
CA GLN A 575 7.53 7.95 21.05
C GLN A 575 7.39 8.32 19.55
N THR A 576 6.27 7.92 18.93
CA THR A 576 6.13 8.04 17.48
C THR A 576 6.37 9.42 16.89
N TYR A 577 6.07 10.48 17.64
CA TYR A 577 6.41 11.84 17.20
C TYR A 577 7.88 12.02 17.52
N ASN A 578 8.72 11.46 16.66
CA ASN A 578 10.12 11.19 17.01
C ASN A 578 11.06 12.40 16.92
N THR A 579 10.54 13.58 16.65
CA THR A 579 11.29 14.82 16.89
C THR A 579 10.57 15.80 17.80
N TRP A 580 9.40 15.44 18.33
CA TRP A 580 8.59 16.31 19.18
C TRP A 580 8.69 15.77 20.60
N SER A 581 9.47 16.45 21.46
N SER A 581 9.44 16.48 21.46
CA SER A 581 9.73 15.93 22.80
CA SER A 581 9.72 16.02 22.82
C SER A 581 8.55 16.12 23.76
C SER A 581 8.53 16.14 23.75
N MET A 582 8.27 15.09 24.53
CA MET A 582 7.31 15.11 25.59
C MET A 582 8.10 14.95 26.89
N LYS A 583 7.57 15.54 27.96
CA LYS A 583 8.21 15.49 29.27
C LYS A 583 7.19 15.37 30.39
N GLY A 584 7.46 14.44 31.29
CA GLY A 584 6.55 14.12 32.38
C GLY A 584 5.39 13.29 31.89
N THR A 585 4.19 13.63 32.34
CA THR A 585 2.98 12.94 31.87
C THR A 585 2.50 13.64 30.62
N SER A 586 2.41 12.90 29.51
CA SER A 586 1.85 13.44 28.29
C SER A 586 0.43 12.95 28.10
N ALA A 587 -0.40 13.76 27.45
CA ALA A 587 -1.74 13.32 27.10
C ALA A 587 -1.67 12.07 26.23
N TYR A 588 -0.72 12.09 25.27
CA TYR A 588 -0.59 11.00 24.30
C TYR A 588 -0.19 9.69 24.94
N CYS A 589 0.98 9.65 25.56
CA CYS A 589 1.47 8.41 26.13
C CYS A 589 0.69 8.03 27.39
N GLY A 590 0.25 9.05 28.13
CA GLY A 590 -0.55 8.82 29.33
C GLY A 590 -1.90 8.18 29.02
N SER A 591 -2.59 8.71 28.00
CA SER A 591 -3.88 8.14 27.62
C SER A 591 -3.75 6.71 27.05
N LEU A 592 -2.70 6.48 26.26
CA LEU A 592 -2.40 5.14 25.77
C LEU A 592 -2.16 4.15 26.90
N TRP A 593 -1.41 4.60 27.91
CA TRP A 593 -1.16 3.81 29.12
C TRP A 593 -2.45 3.43 29.86
N LEU A 594 -3.33 4.42 30.06
CA LEU A 594 -4.61 4.18 30.72
C LEU A 594 -5.42 3.12 29.96
N ALA A 595 -5.50 3.29 28.64
CA ALA A 595 -6.27 2.35 27.83
C ALA A 595 -5.65 0.97 27.84
N ALA A 596 -4.33 0.90 27.79
CA ALA A 596 -3.64 -0.39 27.82
C ALA A 596 -3.88 -1.13 29.14
N LEU A 597 -3.90 -0.38 30.25
CA LEU A 597 -4.23 -0.97 31.54
C LEU A 597 -5.64 -1.51 31.55
N LYS A 598 -6.59 -0.75 31.02
CA LYS A 598 -7.98 -1.22 30.96
C LYS A 598 -8.12 -2.46 30.07
N ALA A 599 -7.41 -2.49 28.94
CA ALA A 599 -7.40 -3.66 28.09
C ALA A 599 -6.86 -4.88 28.80
N ALA A 600 -5.78 -4.72 29.55
CA ALA A 600 -5.16 -5.86 30.25
C ALA A 600 -6.06 -6.39 31.36
N GLN A 601 -6.77 -5.48 32.03
CA GLN A 601 -7.81 -5.91 32.99
C GLN A 601 -8.82 -6.83 32.34
N GLU A 602 -9.30 -6.44 31.16
CA GLU A 602 -10.31 -7.22 30.45
C GLU A 602 -9.76 -8.56 29.98
N ILE A 603 -8.51 -8.58 29.49
CA ILE A 603 -7.90 -9.86 29.13
C ILE A 603 -7.76 -10.75 30.36
N GLY A 604 -7.34 -10.15 31.48
CA GLY A 604 -7.26 -10.85 32.76
C GLY A 604 -8.57 -11.51 33.17
N LYS A 605 -9.69 -10.81 32.97
CA LYS A 605 -11.01 -11.39 33.25
C LYS A 605 -11.32 -12.56 32.32
N VAL A 606 -11.07 -12.36 31.03
CA VAL A 606 -11.31 -13.44 30.05
C VAL A 606 -10.50 -14.69 30.37
N LEU A 607 -9.24 -14.50 30.75
CA LEU A 607 -8.32 -15.61 30.99
C LEU A 607 -8.34 -16.10 32.44
N LYS A 608 -9.18 -15.49 33.27
CA LYS A 608 -9.31 -15.85 34.70
C LYS A 608 -7.99 -15.73 35.48
N ASP A 609 -7.29 -14.63 35.22
CA ASP A 609 -6.05 -14.27 35.89
C ASP A 609 -6.41 -13.16 36.85
N ASN A 610 -6.90 -13.57 38.02
CA ASN A 610 -7.41 -12.61 39.01
C ASN A 610 -6.35 -11.63 39.50
N GLU A 611 -5.15 -12.12 39.79
CA GLU A 611 -4.11 -11.25 40.31
C GLU A 611 -3.69 -10.18 39.31
N ALA A 612 -3.70 -10.53 38.02
CA ALA A 612 -3.44 -9.54 36.97
C ALA A 612 -4.56 -8.52 36.89
N TYR A 613 -5.80 -8.99 36.92
CA TYR A 613 -6.94 -8.08 36.94
C TYR A 613 -6.80 -7.05 38.08
N ILE A 614 -6.57 -7.52 39.30
CA ILE A 614 -6.48 -6.62 40.44
C ILE A 614 -5.35 -5.62 40.31
N LYS A 615 -4.16 -6.11 39.93
CA LYS A 615 -2.99 -5.24 39.79
C LYS A 615 -3.22 -4.14 38.76
N TYR A 616 -3.70 -4.49 37.57
CA TYR A 616 -3.88 -3.49 36.52
C TYR A 616 -5.06 -2.58 36.80
N ASN A 617 -6.08 -3.09 37.49
CA ASN A 617 -7.18 -2.23 37.98
C ASN A 617 -6.66 -1.18 38.98
N GLU A 618 -5.83 -1.60 39.92
CA GLU A 618 -5.22 -0.66 40.88
C GLU A 618 -4.36 0.40 40.20
N TRP A 619 -3.49 -0.04 39.28
CA TRP A 619 -2.65 0.88 38.54
C TRP A 619 -3.50 1.85 37.72
N TYR A 620 -4.55 1.34 37.11
CA TYR A 620 -5.47 2.14 36.30
C TYR A 620 -6.16 3.24 37.09
N LYS A 621 -6.73 2.87 38.23
CA LYS A 621 -7.44 3.84 39.07
C LYS A 621 -6.53 5.00 39.52
N ILE A 622 -5.31 4.67 39.95
CA ILE A 622 -4.34 5.69 40.39
C ILE A 622 -3.94 6.58 39.21
N ALA A 623 -3.57 5.95 38.11
CA ALA A 623 -3.10 6.66 36.91
C ALA A 623 -4.20 7.57 36.33
N GLN A 624 -5.43 7.07 36.32
CA GLN A 624 -6.58 7.80 35.79
C GLN A 624 -6.81 9.09 36.58
N GLN A 625 -6.87 8.95 37.90
CA GLN A 625 -7.00 10.09 38.81
C GLN A 625 -5.92 11.14 38.57
N ASN A 626 -4.66 10.71 38.50
CA ASN A 626 -3.55 11.62 38.33
C ASN A 626 -3.45 12.23 36.92
N PHE A 627 -3.83 11.45 35.90
CA PHE A 627 -3.88 11.94 34.52
C PHE A 627 -4.84 13.13 34.45
N GLU A 628 -6.03 12.94 35.02
CA GLU A 628 -7.06 13.97 35.00
C GLU A 628 -6.57 15.23 35.75
N LYS A 629 -6.04 15.03 36.95
CA LYS A 629 -5.55 16.17 37.77
C LYS A 629 -4.43 16.94 37.09
N GLU A 630 -3.48 16.21 36.53
CA GLU A 630 -2.30 16.82 35.92
C GLU A 630 -2.59 17.54 34.62
N LEU A 631 -3.54 17.05 33.84
CA LEU A 631 -3.68 17.49 32.43
C LEU A 631 -4.99 18.19 32.05
N TRP A 632 -6.09 17.90 32.72
CA TRP A 632 -7.37 18.51 32.35
C TRP A 632 -7.35 20.00 32.73
N ASN A 633 -7.52 20.89 31.75
CA ASN A 633 -7.44 22.33 31.98
C ASN A 633 -8.77 23.09 31.92
N GLY A 634 -9.87 22.35 31.72
CA GLY A 634 -11.22 22.94 31.60
C GLY A 634 -11.77 22.94 30.18
N GLU A 635 -10.88 22.95 29.19
CA GLU A 635 -11.24 22.94 27.78
C GLU A 635 -10.69 21.73 27.00
N TYR A 636 -9.47 21.32 27.32
CA TYR A 636 -8.84 20.16 26.68
C TYR A 636 -7.81 19.56 27.64
N TYR A 637 -7.09 18.53 27.19
CA TYR A 637 -6.00 17.95 27.97
C TYR A 637 -4.68 18.55 27.50
N ASN A 638 -3.89 19.07 28.44
CA ASN A 638 -2.59 19.64 28.07
C ASN A 638 -1.67 18.61 27.40
N PHE A 639 -0.82 19.10 26.53
CA PHE A 639 0.14 18.27 25.81
C PHE A 639 0.96 17.40 26.77
N ASP A 640 1.52 18.03 27.80
CA ASP A 640 2.19 17.28 28.87
C ASP A 640 2.30 18.13 30.14
N THR A 641 3.05 17.65 31.13
CA THR A 641 3.19 18.40 32.39
C THR A 641 4.45 19.24 32.51
N GLU A 642 5.48 18.99 31.71
CA GLU A 642 6.78 19.66 31.93
C GLU A 642 7.44 20.40 30.75
N SER A 643 6.89 20.30 29.54
CA SER A 643 7.50 20.97 28.37
C SER A 643 7.29 22.48 28.38
N ASP A 644 8.08 23.17 27.56
CA ASP A 644 7.94 24.63 27.38
C ASP A 644 6.55 25.05 26.86
N HIS A 645 6.00 24.28 25.93
CA HIS A 645 4.64 24.53 25.41
C HIS A 645 3.71 23.41 25.84
N LYS A 646 3.68 23.15 27.15
CA LYS A 646 2.88 22.09 27.75
C LYS A 646 1.37 22.26 27.55
N ASP A 647 0.92 23.50 27.32
CA ASP A 647 -0.49 23.81 27.06
C ASP A 647 -0.87 23.83 25.58
N SER A 648 0.00 23.34 24.69
CA SER A 648 -0.42 23.17 23.30
C SER A 648 -1.57 22.18 23.20
N ILE A 649 -2.41 22.39 22.21
CA ILE A 649 -3.53 21.51 21.89
C ILE A 649 -2.98 20.51 20.90
N MET A 650 -2.92 19.25 21.30
CA MET A 650 -2.40 18.19 20.44
C MET A 650 -3.55 17.49 19.77
N ALA A 651 -3.46 17.30 18.46
CA ALA A 651 -4.54 16.62 17.74
C ALA A 651 -4.79 15.22 18.28
N ASP A 652 -3.70 14.54 18.69
CA ASP A 652 -3.73 13.15 19.09
C ASP A 652 -3.74 12.99 20.62
N GLN A 653 -4.11 14.05 21.34
CA GLN A 653 -4.03 14.03 22.82
C GLN A 653 -4.78 12.88 23.48
N LEU A 654 -5.89 12.43 22.88
CA LEU A 654 -6.68 11.36 23.48
C LEU A 654 -6.65 10.05 22.71
N ALA A 655 -5.49 9.74 22.13
CA ALA A 655 -5.33 8.51 21.38
C ALA A 655 -5.74 7.26 22.15
N GLY A 656 -5.48 7.20 23.46
CA GLY A 656 -5.93 6.07 24.25
C GLY A 656 -7.43 5.91 24.32
N GLN A 657 -8.14 7.03 24.44
CA GLN A 657 -9.60 6.99 24.45
C GLN A 657 -10.16 6.59 23.07
N TRP A 658 -9.54 7.07 22.00
CA TRP A 658 -9.88 6.59 20.65
C TRP A 658 -9.86 5.07 20.58
N TYR A 659 -8.74 4.45 20.94
CA TYR A 659 -8.69 2.99 20.96
C TYR A 659 -9.66 2.36 21.96
N ALA A 660 -9.85 2.98 23.12
CA ALA A 660 -10.80 2.46 24.09
C ALA A 660 -12.22 2.36 23.50
N ASP A 661 -12.61 3.34 22.70
CA ASP A 661 -13.91 3.28 21.99
C ASP A 661 -13.99 2.05 21.08
N ILE A 662 -12.96 1.85 20.29
CA ILE A 662 -12.90 0.71 19.35
C ILE A 662 -12.91 -0.62 20.07
N LEU A 663 -12.23 -0.67 21.22
CA LEU A 663 -12.08 -1.89 21.99
C LEU A 663 -13.26 -2.12 22.95
N ARG A 664 -14.22 -1.18 22.95
CA ARG A 664 -15.40 -1.23 23.84
C ARG A 664 -15.03 -1.31 25.31
N LEU A 665 -14.03 -0.51 25.68
CA LEU A 665 -13.53 -0.45 27.05
C LEU A 665 -14.18 0.67 27.86
N GLY A 666 -15.10 1.41 27.24
CA GLY A 666 -15.83 2.45 27.94
C GLY A 666 -15.05 3.74 28.13
N ASP A 667 -15.45 4.49 29.13
CA ASP A 667 -14.89 5.80 29.38
C ASP A 667 -13.63 5.59 30.19
N ILE A 668 -12.49 5.94 29.62
CA ILE A 668 -11.26 6.06 30.42
C ILE A 668 -11.10 7.49 30.93
N LEU A 669 -11.72 8.43 30.23
CA LEU A 669 -11.83 9.81 30.68
C LEU A 669 -13.29 10.21 30.59
N PRO A 670 -13.69 11.25 31.33
CA PRO A 670 -15.12 11.65 31.35
C PRO A 670 -15.64 12.03 29.96
N LYS A 671 -16.85 11.57 29.63
CA LYS A 671 -17.46 11.86 28.33
C LYS A 671 -17.45 13.36 28.02
N ASP A 672 -17.83 14.17 29.01
CA ASP A 672 -17.90 15.61 28.82
C ASP A 672 -16.55 16.20 28.43
N HIS A 673 -15.48 15.71 29.06
CA HIS A 673 -14.13 16.22 28.83
C HIS A 673 -13.62 15.76 27.44
N VAL A 674 -13.92 14.53 27.07
CA VAL A 674 -13.58 14.00 25.73
C VAL A 674 -14.28 14.83 24.64
N GLN A 675 -15.58 15.08 24.81
CA GLN A 675 -16.34 15.89 23.86
C GLN A 675 -15.77 17.31 23.73
N LYS A 676 -15.47 17.94 24.86
CA LYS A 676 -14.87 19.27 24.85
C LYS A 676 -13.52 19.29 24.13
N ALA A 677 -12.70 18.28 24.40
CA ALA A 677 -11.37 18.21 23.79
C ALA A 677 -11.47 18.01 22.27
N LEU A 678 -12.34 17.12 21.83
CA LEU A 678 -12.53 16.90 20.39
C LEU A 678 -13.06 18.14 19.67
N LYS A 679 -14.02 18.81 20.29
CA LYS A 679 -14.51 20.07 19.74
C LYS A 679 -13.42 21.14 19.67
N LYS A 680 -12.57 21.20 20.69
CA LYS A 680 -11.43 22.11 20.69
C LYS A 680 -10.46 21.81 19.53
N ILE A 681 -10.15 20.53 19.38
CA ILE A 681 -9.26 20.09 18.30
C ILE A 681 -9.84 20.45 16.91
N TYR A 682 -11.13 20.20 16.71
CA TYR A 682 -11.77 20.61 15.45
C TYR A 682 -11.72 22.12 15.27
N GLU A 683 -12.09 22.85 16.32
CA GLU A 683 -12.12 24.31 16.26
C GLU A 683 -10.74 24.93 15.97
N PHE A 684 -9.69 24.32 16.52
CA PHE A 684 -8.34 24.87 16.44
C PHE A 684 -7.50 24.14 15.41
N ASN A 685 -7.08 22.91 15.73
CA ASN A 685 -6.12 22.16 14.90
C ASN A 685 -6.62 21.92 13.47
N VAL A 686 -7.94 21.86 13.29
CA VAL A 686 -8.52 21.75 11.95
C VAL A 686 -8.88 23.13 11.42
N MET A 687 -9.87 23.78 12.04
CA MET A 687 -10.46 24.99 11.43
C MET A 687 -9.58 26.24 11.39
N LYS A 688 -8.61 26.33 12.30
CA LYS A 688 -7.65 27.44 12.26
C LYS A 688 -6.36 27.10 11.50
N PHE A 689 -6.33 25.92 10.85
CA PHE A 689 -5.22 25.55 9.99
C PHE A 689 -5.71 25.53 8.55
N GLU A 690 -5.34 26.54 7.78
CA GLU A 690 -5.71 26.64 6.38
C GLU A 690 -7.21 26.38 6.15
N ASN A 691 -8.03 27.02 7.00
N ASN A 691 -8.05 27.03 6.97
CA ASN A 691 -9.49 26.97 6.91
CA ASN A 691 -9.51 26.96 6.86
C ASN A 691 -10.10 25.58 6.94
C ASN A 691 -10.10 25.56 6.94
N GLY A 692 -9.43 24.65 7.63
CA GLY A 692 -9.91 23.28 7.79
C GLY A 692 -9.93 22.45 6.52
N LYS A 693 -9.14 22.83 5.52
CA LYS A 693 -9.12 22.16 4.21
C LYS A 693 -7.95 21.22 4.01
N MET A 694 -7.13 20.99 5.05
CA MET A 694 -5.89 20.22 4.90
C MET A 694 -5.65 19.20 6.01
N GLY A 695 -6.67 18.90 6.82
CA GLY A 695 -6.54 17.99 7.96
C GLY A 695 -6.28 18.68 9.29
N ALA A 696 -5.81 17.92 10.27
CA ALA A 696 -5.57 18.42 11.62
C ALA A 696 -4.08 18.64 11.80
N VAL A 697 -3.66 19.88 12.02
CA VAL A 697 -2.24 20.12 12.33
C VAL A 697 -1.99 19.55 13.72
N ASN A 698 -0.78 19.01 13.95
CA ASN A 698 -0.54 18.27 15.19
C ASN A 698 -0.60 19.10 16.46
N GLY A 699 -0.03 20.30 16.43
CA GLY A 699 0.06 21.12 17.66
C GLY A 699 -0.37 22.54 17.41
N MET A 700 -1.33 23.02 18.21
CA MET A 700 -1.71 24.41 18.13
C MET A 700 -1.69 25.06 19.51
N ARG A 701 -1.21 26.30 19.54
CA ARG A 701 -1.13 27.06 20.78
C ARG A 701 -2.55 27.52 21.13
N PRO A 702 -2.82 27.76 22.42
CA PRO A 702 -4.15 28.25 22.83
C PRO A 702 -4.60 29.58 22.20
N ASP A 703 -3.66 30.39 21.71
CA ASP A 703 -4.01 31.62 20.97
C ASP A 703 -4.40 31.37 19.49
N GLY A 704 -4.47 30.11 19.06
CA GLY A 704 -4.89 29.79 17.70
C GLY A 704 -3.81 29.92 16.64
N ILE A 705 -2.53 29.97 17.04
CA ILE A 705 -1.40 29.95 16.12
C ILE A 705 -0.73 28.59 16.26
N VAL A 706 -0.25 28.05 15.15
CA VAL A 706 0.38 26.73 15.14
C VAL A 706 1.62 26.73 16.02
N ASP A 707 1.78 25.66 16.78
CA ASP A 707 2.94 25.48 17.67
C ASP A 707 4.21 25.30 16.85
N GLU A 708 5.20 26.14 17.11
CA GLU A 708 6.45 26.17 16.33
C GLU A 708 7.64 25.52 17.05
N SER A 709 7.38 24.82 18.16
CA SER A 709 8.46 24.20 18.93
C SER A 709 9.23 23.12 18.16
N ASP A 710 8.54 22.42 17.25
CA ASP A 710 9.19 21.43 16.37
C ASP A 710 8.42 21.33 15.06
N ILE A 711 9.11 20.91 14.01
CA ILE A 711 8.48 20.66 12.70
C ILE A 711 7.25 19.75 12.80
N GLN A 712 7.30 18.71 13.62
CA GLN A 712 6.16 17.78 13.70
C GLN A 712 4.90 18.43 14.25
N ALA A 713 5.06 19.41 15.14
CA ALA A 713 3.91 20.19 15.58
C ALA A 713 3.22 20.97 14.46
N GLN A 714 3.98 21.35 13.44
CA GLN A 714 3.50 22.14 12.31
C GLN A 714 3.07 21.27 11.14
N GLU A 715 3.11 19.95 11.32
CA GLU A 715 2.71 19.01 10.28
C GLU A 715 1.31 18.49 10.56
N VAL A 716 0.56 18.27 9.48
CA VAL A 716 -0.60 17.38 9.51
C VAL A 716 -0.06 15.98 9.24
N TRP A 717 -0.44 15.01 10.07
CA TRP A 717 -0.12 13.61 9.80
C TRP A 717 -1.40 12.97 9.28
N THR A 718 -1.34 12.49 8.05
CA THR A 718 -2.50 11.95 7.36
C THR A 718 -3.16 10.84 8.16
N GLY A 719 -2.38 9.93 8.73
CA GLY A 719 -2.92 8.79 9.48
C GLY A 719 -3.45 9.18 10.84
N VAL A 720 -2.86 10.21 11.44
CA VAL A 720 -3.36 10.74 12.68
C VAL A 720 -4.70 11.39 12.41
N THR A 721 -4.81 12.10 11.30
CA THR A 721 -6.03 12.84 10.97
C THR A 721 -7.17 11.88 10.64
N TYR A 722 -6.91 10.83 9.86
CA TYR A 722 -7.97 9.87 9.59
C TYR A 722 -8.43 9.16 10.86
N ALA A 723 -7.49 8.82 11.74
CA ALA A 723 -7.85 8.19 13.01
C ALA A 723 -8.67 9.15 13.89
N LEU A 724 -8.30 10.41 13.91
CA LEU A 724 -9.05 11.43 14.65
C LEU A 724 -10.47 11.55 14.09
N ALA A 725 -10.59 11.48 12.76
CA ALA A 725 -11.91 11.50 12.12
C ALA A 725 -12.75 10.32 12.60
N SER A 726 -12.15 9.14 12.69
CA SER A 726 -12.90 8.00 13.20
C SER A 726 -13.34 8.21 14.65
N PHE A 727 -12.49 8.82 15.46
CA PHE A 727 -12.79 9.09 16.87
C PHE A 727 -13.98 10.05 16.96
N MET A 728 -13.93 11.12 16.18
CA MET A 728 -15.05 12.07 16.11
C MET A 728 -16.34 11.37 15.67
N LYS A 729 -16.24 10.50 14.67
CA LYS A 729 -17.41 9.79 14.17
C LYS A 729 -18.04 8.93 15.28
N TYR A 730 -17.22 8.19 16.03
CA TYR A 730 -17.72 7.32 17.12
C TYR A 730 -18.43 8.13 18.19
N ARG A 731 -17.97 9.36 18.39
CA ARG A 731 -18.49 10.25 19.43
C ARG A 731 -19.65 11.14 18.93
N GLY A 732 -20.17 10.83 17.75
CA GLY A 732 -21.34 11.54 17.22
C GLY A 732 -21.05 12.88 16.55
N MET A 733 -19.78 13.22 16.37
CA MET A 733 -19.39 14.47 15.71
C MET A 733 -19.24 14.18 14.23
N THR A 734 -20.36 13.86 13.59
CA THR A 734 -20.36 13.31 12.23
C THR A 734 -19.82 14.32 11.22
N GLU A 735 -20.36 15.54 11.23
CA GLU A 735 -19.91 16.57 10.32
C GLU A 735 -18.43 16.86 10.52
N GLU A 736 -18.03 17.03 11.77
CA GLU A 736 -16.62 17.32 12.07
C GLU A 736 -15.72 16.18 11.60
N ALA A 737 -16.15 14.94 11.82
CA ALA A 737 -15.38 13.76 11.37
C ALA A 737 -15.09 13.81 9.88
N TYR A 738 -16.13 13.91 9.09
CA TYR A 738 -15.95 13.93 7.64
C TYR A 738 -15.30 15.19 7.11
N ASN A 739 -15.54 16.34 7.72
CA ASN A 739 -14.84 17.55 7.32
C ASN A 739 -13.34 17.44 7.59
N THR A 740 -13.01 16.82 8.72
CA THR A 740 -11.61 16.60 9.11
C THR A 740 -10.93 15.67 8.08
N ALA A 741 -11.55 14.53 7.82
CA ALA A 741 -11.03 13.58 6.81
C ALA A 741 -11.00 14.17 5.40
N TYR A 742 -11.98 15.02 5.05
CA TYR A 742 -12.06 15.56 3.71
C TYR A 742 -10.78 16.29 3.29
N GLY A 743 -10.17 17.02 4.21
CA GLY A 743 -8.93 17.74 3.88
C GLY A 743 -7.80 16.83 3.44
N VAL A 744 -7.76 15.64 4.03
CA VAL A 744 -6.74 14.64 3.67
C VAL A 744 -7.05 14.08 2.29
N TYR A 745 -8.32 13.74 2.04
CA TYR A 745 -8.76 13.31 0.72
C TYR A 745 -8.41 14.38 -0.33
N LYS A 746 -8.74 15.64 -0.01
CA LYS A 746 -8.59 16.71 -0.97
C LYS A 746 -7.14 16.89 -1.37
N MET A 747 -6.27 16.95 -0.36
CA MET A 747 -4.83 17.10 -0.62
C MET A 747 -4.24 15.95 -1.42
N THR A 748 -4.75 14.74 -1.17
CA THR A 748 -4.21 13.56 -1.81
C THR A 748 -4.70 13.38 -3.24
N TYR A 749 -6.02 13.51 -3.44
CA TYR A 749 -6.68 13.09 -4.68
C TYR A 749 -7.24 14.20 -5.58
N ASP A 750 -7.59 15.36 -5.00
CA ASP A 750 -8.39 16.35 -5.73
C ASP A 750 -7.51 17.19 -6.63
N LYS A 751 -8.10 17.77 -7.68
CA LYS A 751 -7.34 18.68 -8.54
C LYS A 751 -6.80 19.91 -7.82
N SER A 752 -7.43 20.30 -6.71
CA SER A 752 -6.95 21.41 -5.88
C SER A 752 -5.88 20.99 -4.86
N GLY A 753 -5.52 19.70 -4.84
CA GLY A 753 -4.57 19.18 -3.86
C GLY A 753 -3.15 19.22 -4.39
N LYS A 754 -2.32 18.32 -3.89
CA LYS A 754 -0.89 18.36 -4.18
C LYS A 754 -0.37 17.13 -4.91
N GLY A 755 -1.27 16.26 -5.38
CA GLY A 755 -0.87 15.19 -6.29
C GLY A 755 -0.20 14.00 -5.64
N TYR A 756 -0.79 13.53 -4.55
CA TYR A 756 -0.21 12.43 -3.78
C TYR A 756 -0.92 11.10 -3.93
N TRP A 757 -1.79 10.99 -4.94
CA TRP A 757 -2.49 9.74 -5.20
C TRP A 757 -1.53 8.57 -5.37
N PHE A 758 -1.84 7.48 -4.68
CA PHE A 758 -1.01 6.27 -4.70
C PHE A 758 0.39 6.50 -4.15
N ARG A 759 0.52 7.53 -3.31
CA ARG A 759 1.77 7.73 -2.57
C ARG A 759 1.52 8.59 -1.35
N THR A 760 0.40 8.35 -0.67
CA THR A 760 -0.01 9.19 0.46
C THR A 760 1.14 9.32 1.45
N PRO A 761 1.52 10.56 1.77
CA PRO A 761 2.67 10.72 2.66
C PRO A 761 2.32 10.66 4.14
N GLU A 762 3.34 10.53 4.99
CA GLU A 762 3.14 10.73 6.42
C GLU A 762 2.51 12.10 6.67
N ALA A 763 3.12 13.13 6.10
CA ALA A 763 2.86 14.47 6.55
C ALA A 763 2.96 15.53 5.49
N TRP A 764 2.23 16.62 5.70
CA TRP A 764 2.49 17.85 4.98
C TRP A 764 2.43 19.04 5.92
N THR A 765 3.08 20.12 5.47
CA THR A 765 3.03 21.40 6.14
C THR A 765 2.00 22.32 5.47
N LYS A 766 1.82 23.52 6.01
CA LYS A 766 0.77 24.42 5.51
C LYS A 766 0.89 24.77 4.01
N ASP A 767 2.11 24.75 3.47
CA ASP A 767 2.33 24.99 2.03
C ASP A 767 1.95 23.78 1.16
N GLY A 768 1.58 22.66 1.80
CA GLY A 768 1.18 21.46 1.08
C GLY A 768 2.32 20.51 0.72
N ASN A 769 3.56 20.93 0.93
CA ASN A 769 4.71 20.09 0.65
C ASN A 769 4.84 19.00 1.71
N TYR A 770 5.49 17.89 1.35
CA TYR A 770 5.33 16.66 2.11
C TYR A 770 6.59 16.09 2.74
N ARG A 771 6.38 15.14 3.64
CA ARG A 771 7.44 14.31 4.15
C ARG A 771 6.99 12.86 4.10
N ALA A 772 7.82 12.05 3.42
CA ALA A 772 7.74 10.60 3.39
C ALA A 772 6.53 10.08 2.64
N SER A 773 6.60 10.17 1.32
CA SER A 773 5.55 9.62 0.44
C SER A 773 5.52 8.09 0.57
N MET A 774 4.39 7.50 0.20
CA MET A 774 4.19 6.04 0.28
C MET A 774 4.32 5.55 1.72
N TYR A 775 3.34 5.93 2.55
CA TYR A 775 3.47 5.85 4.00
C TYR A 775 2.40 4.93 4.62
N MET A 776 2.77 4.18 5.64
CA MET A 776 1.87 3.19 6.24
C MET A 776 0.68 3.81 6.98
N ARG A 777 0.92 4.89 7.73
CA ARG A 777 -0.07 5.42 8.67
C ARG A 777 -1.48 5.74 8.13
N PRO A 778 -1.60 6.32 6.91
CA PRO A 778 -2.94 6.68 6.41
C PRO A 778 -3.86 5.50 6.08
N LEU A 779 -3.36 4.26 6.12
CA LEU A 779 -4.24 3.09 6.13
C LEU A 779 -5.23 3.14 7.30
N SER A 780 -4.95 3.96 8.31
CA SER A 780 -5.89 4.20 9.40
C SER A 780 -7.27 4.69 8.98
N ILE A 781 -7.44 5.18 7.76
CA ILE A 781 -8.79 5.52 7.29
C ILE A 781 -9.79 4.37 7.52
N TRP A 782 -9.34 3.13 7.46
CA TRP A 782 -10.21 1.98 7.75
C TRP A 782 -10.77 1.93 9.16
N SER A 783 -10.17 2.66 10.12
CA SER A 783 -10.82 2.85 11.44
C SER A 783 -12.16 3.57 11.35
N MET A 784 -12.41 4.29 10.25
CA MET A 784 -13.71 4.92 10.05
C MET A 784 -14.82 3.92 9.70
N GLU A 785 -14.45 2.68 9.37
CA GLU A 785 -15.42 1.60 9.06
C GLU A 785 -15.72 0.64 10.23
N VAL A 786 -15.13 0.89 11.40
CA VAL A 786 -15.37 0.03 12.57
C VAL A 786 -16.85 0.04 12.99
C1 G2F B . 9.52 6.46 10.88
C2 G2F B . 9.76 5.94 12.29
C3 G2F B . 8.51 6.09 13.15
C4 G2F B . 8.10 7.56 13.20
C5 G2F B . 8.01 8.17 11.79
C6 G2F B . 7.82 9.68 11.88
O3 G2F B . 8.80 5.60 14.45
O4 G2F B . 6.83 7.66 13.87
O5 G2F B . 9.13 7.84 10.95
O6 G2F B . 7.48 10.23 10.59
F2 G2F B . 10.10 4.60 12.25
C1 GOL C . 6.43 -20.62 13.13
O1 GOL C . 6.24 -20.07 11.82
C2 GOL C . 5.42 -21.75 13.39
O2 GOL C . 4.57 -21.42 14.49
C3 GOL C . 6.09 -23.07 13.71
O3 GOL C . 5.67 -24.04 12.73
C1 GOL D . 15.37 9.28 11.38
O1 GOL D . 15.89 10.63 11.36
C2 GOL D . 15.67 8.57 10.06
O2 GOL D . 15.40 9.46 8.96
C3 GOL D . 14.91 7.26 9.89
O3 GOL D . 13.57 7.26 10.42
C1 GOL E . 11.24 10.10 10.82
O1 GOL E . 12.05 8.97 11.07
C2 GOL E . 12.05 11.32 10.38
O2 GOL E . 13.31 10.94 9.82
C3 GOL E . 12.26 12.21 11.61
O3 GOL E . 10.99 12.73 11.99
C1 GOL F . 16.59 5.38 0.42
O1 GOL F . 15.41 5.94 -0.16
C2 GOL F . 16.49 5.36 1.94
O2 GOL F . 15.69 4.24 2.38
C3 GOL F . 17.88 5.23 2.55
O3 GOL F . 17.84 4.39 3.69
C1 GOL G . -18.24 -8.84 -12.73
O1 GOL G . -19.27 -9.54 -13.43
C2 GOL G . -18.20 -7.37 -13.09
O2 GOL G . -17.12 -6.79 -12.35
C3 GOL G . -18.00 -7.18 -14.60
O3 GOL G . -18.02 -5.79 -14.93
C1 GOL H . 8.24 -27.22 -8.05
O1 GOL H . 8.51 -25.85 -8.41
C2 GOL H . 9.34 -27.77 -7.16
O2 GOL H . 10.51 -28.02 -7.94
C3 GOL H . 9.66 -26.80 -6.04
O3 GOL H . 8.41 -26.31 -5.56
C1 GOL I . 5.03 21.08 22.75
O1 GOL I . 5.36 21.89 21.62
C2 GOL I . 6.27 20.87 23.61
O2 GOL I . 6.80 22.12 24.03
C3 GOL I . 7.34 20.14 22.80
O3 GOL I . 8.48 19.84 23.63
C1 GOL J . -1.72 -15.60 7.14
O1 GOL J . -2.00 -16.63 6.18
C2 GOL J . -0.50 -15.83 8.03
O2 GOL J . 0.67 -15.40 7.30
C3 GOL J . -0.34 -17.28 8.52
O3 GOL J . 0.87 -17.41 9.29
C1 GOL K . 7.08 -8.64 34.61
O1 GOL K . 8.45 -8.27 34.45
C2 GOL K . 6.83 -10.11 34.29
O2 GOL K . 7.55 -10.49 33.10
C3 GOL K . 5.34 -10.31 34.08
O3 GOL K . 5.06 -11.66 33.68
C1 GOL L . 11.77 7.96 -14.86
O1 GOL L . 11.45 9.24 -14.30
C2 GOL L . 11.07 7.77 -16.21
O2 GOL L . 11.50 6.53 -16.78
C3 GOL L . 9.57 7.78 -16.01
O3 GOL L . 8.82 7.85 -17.23
C1 GOL M . 5.81 -15.72 15.12
O1 GOL M . 7.22 -15.43 15.05
C2 GOL M . 5.58 -17.18 14.71
O2 GOL M . 5.68 -17.21 13.28
C3 GOL M . 4.27 -17.81 15.27
O3 GOL M . 3.01 -17.38 14.68
C1 GOL N . -13.95 -14.86 0.70
O1 GOL N . -12.66 -14.51 1.19
C2 GOL N . -13.85 -15.33 -0.76
O2 GOL N . -14.26 -14.25 -1.62
C3 GOL N . -12.47 -15.86 -1.17
O3 GOL N . -11.83 -16.55 -0.08
C1 GOL O . 18.59 -10.86 17.78
O1 GOL O . 19.54 -10.13 17.01
C2 GOL O . 17.29 -10.08 17.86
O2 GOL O . 16.85 -9.57 16.59
C3 GOL O . 17.44 -8.93 18.84
O3 GOL O . 18.47 -8.05 18.40
CA CA P . 5.10 9.51 36.32
C1 EDO Q . 5.21 -4.43 -2.80
O1 EDO Q . 5.47 -3.06 -2.70
C2 EDO Q . 6.22 -5.09 -3.62
O2 EDO Q . 7.45 -5.16 -2.95
C1 NFG R . 12.87 -15.54 18.51
O1 NFG R . 12.89 -14.16 18.24
C2 NFG R . 14.18 -15.90 19.20
F NFG R . 15.23 -15.81 18.30
C3 NFG R . 14.11 -17.30 19.78
O3 NFG R . 15.24 -17.49 20.64
C4 NFG R . 12.81 -17.53 20.56
O4 NFG R . 12.69 -18.92 20.90
C5 NFG R . 11.59 -17.10 19.75
C6 NFG R . 10.28 -17.20 20.53
O6 NFG R . 10.23 -16.14 21.50
O5 NFG R . 11.76 -15.75 19.38
C11 NFG R . 12.17 -13.58 17.24
C12 NFG R . 12.78 -12.42 16.58
N1 NFG R . 14.05 -11.96 16.97
O11 NFG R . 14.86 -12.73 17.82
O12 NFG R . 14.51 -10.92 16.56
C13 NFG R . 12.06 -11.81 15.56
C14 NFG R . 10.79 -12.29 15.18
N2 NFG R . 10.10 -11.63 14.14
O21 NFG R . 10.48 -10.35 13.81
O22 NFG R . 9.20 -12.16 13.52
C15 NFG R . 10.21 -13.39 15.83
C16 NFG R . 10.91 -14.03 16.85
C1 NFG S . 15.64 -3.91 -37.11
O1 NFG S . 15.45 -5.02 -38.00
C2 NFG S . 15.84 -4.40 -35.69
F NFG S . 14.64 -4.90 -35.29
C3 NFG S . 16.18 -3.25 -34.75
O3 NFG S . 16.60 -3.79 -33.49
C4 NFG S . 17.26 -2.34 -35.30
O4 NFG S . 17.34 -1.16 -34.50
C5 NFG S . 16.98 -1.98 -36.78
C6 NFG S . 18.12 -1.21 -37.42
O6 NFG S . 19.36 -1.95 -37.36
O5 NFG S . 16.77 -3.17 -37.54
C11 NFG S . 14.47 -5.00 -38.98
C12 NFG S . 13.83 -6.27 -39.41
N1 NFG S . 14.21 -7.49 -38.84
O11 NFG S . 15.57 -7.84 -38.84
O12 NFG S . 13.38 -8.24 -38.35
C13 NFG S . 12.84 -6.24 -40.39
C14 NFG S . 12.44 -5.03 -40.96
N2 NFG S . 11.43 -5.01 -41.95
O21 NFG S . 11.20 -6.13 -42.75
O22 NFG S . 10.73 -4.02 -42.09
C15 NFG S . 13.05 -3.83 -40.56
C16 NFG S . 14.04 -3.81 -39.59
#